data_6WO6
#
_entry.id   6WO6
#
_cell.length_a   51.460
_cell.length_b   62.670
_cell.length_c   286.930
_cell.angle_alpha   90.000
_cell.angle_beta   90.000
_cell.angle_gamma   90.000
#
_symmetry.space_group_name_H-M   'P 2 2 21'
#
loop_
_entity.id
_entity.type
_entity.pdbx_description
1 polymer RavA
2 water water
#
_entity_poly.entity_id   1
_entity_poly.type   'polypeptide(L)'
_entity_poly.pdbx_seq_one_letter_code
;SNATFTCDELKGLEHPYEVLGNGDALAENREELNKLTNDAALVLASRLVLECPVNELKDFAHAIEAARMPQDDSDTFHSF
LFQAYQVKKRIISLLDPRNINPHSMILEKEFDGELFNNFNKLAIDVLTNNEVAIALRLAETTPAQDRSRVSQNINNIFPQ
SLFAAKVGHAFAVRRDIERLLLGDRPDQFFSSREFKIDSCIEFASLFNVINDKESSIAGKLALRTPAENRTDVVMKIKGF
CAEDSELAIKVQSAFALRRDIERNLLGDNPEQFFSSRDFSVDLCLEFAILFPELLKGHEQAIGEKLAKLDAKVRSDISRK
LEMINGAAHEQ
;
_entity_poly.pdbx_strand_id   A,B
#
# COMPACT_ATOMS: atom_id res chain seq x y z
N ALA A 3 2.71 36.48 -61.38
CA ALA A 3 1.38 36.78 -60.86
C ALA A 3 0.29 36.10 -61.69
N THR A 4 0.36 36.30 -63.01
CA THR A 4 -0.58 35.70 -63.94
C THR A 4 0.17 34.63 -64.75
N PHE A 5 -0.15 33.38 -64.50
CA PHE A 5 0.57 32.27 -65.09
C PHE A 5 -0.13 31.80 -66.37
N THR A 6 0.57 31.00 -67.15
CA THR A 6 -0.06 30.33 -68.27
C THR A 6 -0.87 29.13 -67.78
N CYS A 7 -1.58 28.50 -68.71
CA CYS A 7 -2.43 27.36 -68.35
C CYS A 7 -1.60 26.22 -67.76
N ASP A 8 -0.53 25.84 -68.46
CA ASP A 8 0.31 24.74 -68.00
C ASP A 8 0.99 25.07 -66.68
N GLU A 9 1.34 26.35 -66.46
CA GLU A 9 2.00 26.74 -65.22
C GLU A 9 1.05 26.61 -64.03
N LEU A 10 -0.22 26.97 -64.22
CA LEU A 10 -1.21 26.70 -63.18
C LEU A 10 -1.41 25.21 -63.00
N LYS A 11 -1.38 24.45 -64.09
CA LYS A 11 -1.50 23.00 -64.00
C LYS A 11 -0.33 22.39 -63.22
N GLY A 12 0.83 23.04 -63.22
CA GLY A 12 2.02 22.49 -62.61
C GLY A 12 2.48 23.12 -61.31
N LEU A 13 1.64 23.94 -60.66
CA LEU A 13 2.02 24.51 -59.38
C LEU A 13 2.23 23.39 -58.36
N GLU A 14 3.30 23.52 -57.56
CA GLU A 14 3.60 22.50 -56.57
C GLU A 14 3.00 22.81 -55.20
N HIS A 15 2.69 24.07 -54.92
CA HIS A 15 1.96 24.46 -53.71
C HIS A 15 0.80 25.35 -54.14
N PRO A 16 -0.26 24.77 -54.68
CA PRO A 16 -1.36 25.60 -55.22
C PRO A 16 -2.06 26.47 -54.21
N TYR A 17 -2.15 26.04 -52.94
CA TYR A 17 -2.86 26.87 -51.96
C TYR A 17 -2.05 28.12 -51.61
N GLU A 18 -0.73 28.00 -51.51
CA GLU A 18 0.09 29.17 -51.22
C GLU A 18 0.01 30.20 -52.34
N VAL A 19 -0.20 29.76 -53.57
CA VAL A 19 -0.16 30.65 -54.73
C VAL A 19 -1.54 31.23 -55.05
N LEU A 20 -2.59 30.41 -54.96
CA LEU A 20 -3.93 30.80 -55.39
C LEU A 20 -4.93 30.86 -54.25
N GLY A 21 -4.46 30.93 -53.01
CA GLY A 21 -5.34 30.80 -51.85
C GLY A 21 -5.92 32.10 -51.31
N ASN A 22 -6.28 33.02 -52.21
CA ASN A 22 -7.02 34.21 -51.81
C ASN A 22 -7.78 34.72 -53.02
N GLY A 23 -8.60 35.75 -52.80
CA GLY A 23 -9.44 36.27 -53.86
C GLY A 23 -8.64 36.95 -54.97
N ASP A 24 -7.58 37.67 -54.60
CA ASP A 24 -6.78 38.38 -55.59
C ASP A 24 -6.17 37.41 -56.60
N ALA A 25 -5.48 36.38 -56.12
CA ALA A 25 -4.85 35.42 -57.02
C ALA A 25 -5.89 34.70 -57.86
N LEU A 26 -7.03 34.36 -57.28
CA LEU A 26 -8.09 33.71 -58.05
C LEU A 26 -8.61 34.59 -59.17
N ALA A 27 -8.73 35.90 -58.92
CA ALA A 27 -9.23 36.81 -59.94
C ALA A 27 -8.19 37.08 -61.01
N GLU A 28 -6.91 37.16 -60.64
CA GLU A 28 -5.86 37.42 -61.63
C GLU A 28 -5.78 36.31 -62.67
N ASN A 29 -6.00 35.07 -62.25
CA ASN A 29 -5.79 33.89 -63.09
C ASN A 29 -7.10 33.31 -63.63
N ARG A 30 -8.19 34.09 -63.59
CA ARG A 30 -9.51 33.55 -63.93
C ARG A 30 -9.53 33.01 -65.36
N GLU A 31 -9.02 33.79 -66.32
CA GLU A 31 -9.09 33.39 -67.72
C GLU A 31 -8.27 32.13 -67.97
N GLU A 32 -7.01 32.13 -67.54
CA GLU A 32 -6.16 30.97 -67.76
C GLU A 32 -6.63 29.76 -66.96
N LEU A 33 -7.22 29.98 -65.78
CA LEU A 33 -7.81 28.87 -65.04
C LEU A 33 -9.00 28.28 -65.79
N ASN A 34 -9.79 29.13 -66.45
CA ASN A 34 -10.93 28.66 -67.22
C ASN A 34 -10.51 28.00 -68.52
N LYS A 35 -9.28 28.24 -68.99
CA LYS A 35 -8.77 27.53 -70.15
C LYS A 35 -8.30 26.10 -69.85
N LEU A 36 -8.54 25.59 -68.64
CA LEU A 36 -8.10 24.25 -68.26
C LEU A 36 -9.12 23.20 -68.67
N THR A 37 -8.63 22.01 -69.00
CA THR A 37 -9.51 20.88 -69.24
C THR A 37 -10.20 20.49 -67.93
N ASN A 38 -11.32 19.76 -68.07
CA ASN A 38 -12.12 19.43 -66.90
C ASN A 38 -11.38 18.48 -65.96
N ASP A 39 -10.59 17.55 -66.52
CA ASP A 39 -9.78 16.68 -65.67
C ASP A 39 -8.69 17.46 -64.96
N ALA A 40 -7.98 18.32 -65.70
CA ALA A 40 -6.95 19.15 -65.07
C ALA A 40 -7.56 20.11 -64.05
N ALA A 41 -8.72 20.68 -64.36
CA ALA A 41 -9.38 21.57 -63.41
C ALA A 41 -9.79 20.82 -62.15
N LEU A 42 -10.32 19.61 -62.30
CA LEU A 42 -10.67 18.80 -61.13
C LEU A 42 -9.44 18.51 -60.28
N VAL A 43 -8.35 18.07 -60.91
CA VAL A 43 -7.13 17.75 -60.17
C VAL A 43 -6.60 18.98 -59.44
N LEU A 44 -6.58 20.13 -60.12
CA LEU A 44 -6.03 21.34 -59.51
C LEU A 44 -6.89 21.83 -58.35
N ALA A 45 -8.22 21.82 -58.52
CA ALA A 45 -9.10 22.21 -57.42
C ALA A 45 -8.93 21.27 -56.23
N SER A 46 -8.80 19.96 -56.51
CA SER A 46 -8.62 18.99 -55.43
C SER A 46 -7.34 19.26 -54.65
N ARG A 47 -6.23 19.49 -55.35
CA ARG A 47 -4.98 19.77 -54.66
C ARG A 47 -5.05 21.08 -53.88
N LEU A 48 -5.61 22.12 -54.51
CA LEU A 48 -5.79 23.41 -53.87
C LEU A 48 -6.56 23.29 -52.56
N VAL A 49 -7.60 22.45 -52.55
CA VAL A 49 -8.40 22.29 -51.34
C VAL A 49 -7.70 21.39 -50.32
N LEU A 50 -6.94 20.39 -50.78
CA LEU A 50 -6.20 19.53 -49.87
C LEU A 50 -5.18 20.33 -49.07
N GLU A 51 -4.38 21.15 -49.75
CA GLU A 51 -3.30 21.85 -49.07
C GLU A 51 -3.79 22.95 -48.12
N CYS A 52 -5.06 23.32 -48.18
CA CYS A 52 -5.58 24.36 -47.31
C CYS A 52 -5.76 23.83 -45.89
N PRO A 53 -5.08 24.40 -44.90
CA PRO A 53 -5.27 23.92 -43.52
C PRO A 53 -6.69 24.17 -43.04
N VAL A 54 -7.09 23.40 -42.02
CA VAL A 54 -8.47 23.47 -41.54
C VAL A 54 -8.80 24.85 -41.00
N ASN A 55 -7.87 25.43 -40.22
CA ASN A 55 -8.14 26.73 -39.59
C ASN A 55 -8.41 27.81 -40.63
N GLU A 56 -7.82 27.70 -41.81
CA GLU A 56 -8.02 28.70 -42.86
C GLU A 56 -9.24 28.40 -43.74
N LEU A 57 -9.84 27.21 -43.60
CA LEU A 57 -10.97 26.82 -44.45
C LEU A 57 -12.01 27.92 -44.55
N LYS A 58 -12.55 28.36 -43.41
CA LYS A 58 -13.54 29.43 -43.39
C LYS A 58 -13.04 30.64 -44.15
N ASP A 59 -11.83 31.11 -43.83
CA ASP A 59 -11.24 32.20 -44.60
C ASP A 59 -11.24 31.88 -46.08
N PHE A 60 -10.69 30.71 -46.44
CA PHE A 60 -10.67 30.29 -47.85
C PHE A 60 -12.06 30.37 -48.46
N ALA A 61 -13.08 29.97 -47.70
CA ALA A 61 -14.46 30.05 -48.18
C ALA A 61 -14.75 31.43 -48.74
N HIS A 62 -14.56 32.46 -47.91
CA HIS A 62 -14.83 33.83 -48.36
C HIS A 62 -14.02 34.17 -49.59
N ALA A 63 -12.78 33.68 -49.65
CA ALA A 63 -11.95 33.92 -50.83
C ALA A 63 -12.65 33.42 -52.09
N ILE A 64 -13.15 32.18 -52.06
CA ILE A 64 -13.85 31.65 -53.22
C ILE A 64 -15.07 32.51 -53.56
N GLU A 65 -15.71 33.08 -52.54
CA GLU A 65 -16.88 33.92 -52.79
C GLU A 65 -16.49 35.27 -53.38
N ALA A 66 -15.27 35.75 -53.08
CA ALA A 66 -14.85 37.05 -53.59
C ALA A 66 -14.62 37.00 -55.10
N ALA A 67 -14.04 35.91 -55.60
CA ALA A 67 -13.74 35.77 -57.02
C ALA A 67 -14.94 35.25 -57.82
N ARG A 68 -16.10 35.08 -57.19
CA ARG A 68 -17.27 34.61 -57.91
C ARG A 68 -17.79 35.70 -58.84
N MET A 69 -18.22 35.30 -60.02
CA MET A 69 -18.73 36.20 -61.05
C MET A 69 -20.11 35.75 -61.49
N PRO A 70 -20.92 36.67 -62.02
CA PRO A 70 -22.22 36.24 -62.58
C PRO A 70 -22.07 35.25 -63.72
N GLN A 71 -21.06 35.42 -64.57
CA GLN A 71 -20.79 34.50 -65.66
C GLN A 71 -20.25 33.14 -65.20
N ASP A 72 -20.07 32.94 -63.89
CA ASP A 72 -19.60 31.67 -63.35
C ASP A 72 -20.78 30.69 -63.31
N ASP A 73 -20.89 29.89 -64.37
CA ASP A 73 -21.86 28.80 -64.38
C ASP A 73 -21.17 27.50 -63.98
N SER A 74 -21.96 26.44 -63.87
CA SER A 74 -21.43 25.14 -63.50
C SER A 74 -20.61 24.54 -64.65
N ASP A 75 -19.46 25.16 -64.95
CA ASP A 75 -18.61 24.71 -66.04
C ASP A 75 -17.22 25.33 -65.93
N THR A 76 -17.12 26.44 -65.21
CA THR A 76 -15.85 27.13 -65.04
C THR A 76 -15.06 26.50 -63.90
N PHE A 77 -13.86 27.06 -63.63
CA PHE A 77 -13.04 26.55 -62.55
C PHE A 77 -13.63 26.82 -61.19
N HIS A 78 -14.39 27.92 -61.05
CA HIS A 78 -14.99 28.24 -59.77
C HIS A 78 -15.95 27.15 -59.31
N SER A 79 -16.67 26.53 -60.25
CA SER A 79 -17.56 25.42 -59.92
C SER A 79 -16.79 24.27 -59.28
N PHE A 80 -15.69 23.86 -59.93
CA PHE A 80 -14.86 22.78 -59.40
C PHE A 80 -14.32 23.15 -58.02
N LEU A 81 -13.80 24.38 -57.86
CA LEU A 81 -13.21 24.76 -56.60
C LEU A 81 -14.24 24.78 -55.48
N PHE A 82 -15.46 25.27 -55.77
CA PHE A 82 -16.49 25.31 -54.73
C PHE A 82 -16.94 23.92 -54.36
N GLN A 83 -17.10 23.02 -55.35
CA GLN A 83 -17.48 21.65 -55.02
C GLN A 83 -16.40 20.96 -54.18
N ALA A 84 -15.12 21.22 -54.48
CA ALA A 84 -14.05 20.62 -53.71
C ALA A 84 -14.05 21.14 -52.28
N TYR A 85 -14.23 22.46 -52.11
CA TYR A 85 -14.37 23.02 -50.77
C TYR A 85 -15.54 22.39 -50.03
N GLN A 86 -16.65 22.16 -50.73
CA GLN A 86 -17.80 21.53 -50.10
C GLN A 86 -17.46 20.14 -49.59
N VAL A 87 -16.79 19.35 -50.42
CA VAL A 87 -16.38 18.00 -50.00
C VAL A 87 -15.53 18.05 -48.74
N LYS A 88 -14.47 18.86 -48.76
CA LYS A 88 -13.57 18.90 -47.60
C LYS A 88 -14.26 19.45 -46.36
N LYS A 89 -15.09 20.49 -46.53
CA LYS A 89 -15.77 21.09 -45.38
C LYS A 89 -16.72 20.08 -44.74
N ARG A 90 -17.52 19.39 -45.56
CA ARG A 90 -18.49 18.45 -45.01
C ARG A 90 -17.81 17.25 -44.37
N ILE A 91 -16.64 16.83 -44.90
CA ILE A 91 -15.95 15.71 -44.27
C ILE A 91 -15.30 16.15 -42.96
N ILE A 92 -14.63 17.31 -42.95
CA ILE A 92 -13.90 17.74 -41.77
C ILE A 92 -14.84 18.17 -40.66
N SER A 93 -16.05 18.65 -41.00
CA SER A 93 -17.01 19.01 -39.97
C SER A 93 -17.49 17.82 -39.17
N LEU A 94 -17.18 16.59 -39.58
CA LEU A 94 -17.41 15.44 -38.73
C LEU A 94 -16.56 15.49 -37.48
N LEU A 95 -15.36 16.05 -37.57
CA LEU A 95 -14.45 16.19 -36.44
C LEU A 95 -14.58 17.55 -35.73
N ASP A 96 -15.56 18.36 -36.11
CA ASP A 96 -15.76 19.66 -35.49
C ASP A 96 -16.23 19.49 -34.05
N PRO A 97 -15.47 19.97 -33.06
CA PRO A 97 -15.95 19.84 -31.67
C PRO A 97 -17.28 20.55 -31.43
N ARG A 98 -17.54 21.66 -32.11
CA ARG A 98 -18.82 22.36 -31.98
C ARG A 98 -19.97 21.57 -32.57
N ASN A 99 -19.70 20.54 -33.38
CA ASN A 99 -20.75 19.70 -33.95
C ASN A 99 -21.07 18.58 -32.99
N ILE A 100 -22.36 18.43 -32.67
CA ILE A 100 -22.79 17.52 -31.63
C ILE A 100 -23.23 16.19 -32.25
N ASN A 101 -23.79 16.25 -33.46
CA ASN A 101 -24.39 15.09 -34.11
C ASN A 101 -23.87 14.98 -35.54
N PRO A 102 -22.69 14.38 -35.74
CA PRO A 102 -22.23 14.14 -37.12
C PRO A 102 -23.01 13.03 -37.81
N HIS A 103 -23.43 12.01 -37.05
CA HIS A 103 -24.26 10.97 -37.61
C HIS A 103 -25.52 11.52 -38.22
N SER A 104 -26.07 12.60 -37.65
CA SER A 104 -27.22 13.26 -38.25
C SER A 104 -26.89 13.76 -39.66
N MET A 105 -25.76 14.46 -39.80
CA MET A 105 -25.34 14.93 -41.10
C MET A 105 -25.17 13.78 -42.08
N ILE A 106 -24.66 12.64 -41.60
CA ILE A 106 -24.49 11.50 -42.50
C ILE A 106 -25.82 10.87 -42.87
N LEU A 107 -26.80 10.89 -41.96
CA LEU A 107 -28.10 10.28 -42.22
C LEU A 107 -29.04 11.19 -42.99
N GLU A 108 -28.97 12.50 -42.75
CA GLU A 108 -29.79 13.49 -43.45
C GLU A 108 -29.45 13.60 -44.93
N LYS A 109 -28.62 12.70 -45.43
CA LYS A 109 -28.22 12.67 -46.84
C LYS A 109 -27.57 13.99 -47.26
N GLU A 110 -26.88 14.64 -46.32
CA GLU A 110 -26.01 15.76 -46.64
C GLU A 110 -24.80 15.34 -47.44
N PHE A 111 -24.61 14.03 -47.63
CA PHE A 111 -23.51 13.49 -48.41
C PHE A 111 -24.08 13.08 -49.78
N ASP A 112 -24.04 14.02 -50.72
CA ASP A 112 -24.56 13.78 -52.05
C ASP A 112 -23.82 12.63 -52.71
N GLY A 113 -24.58 11.83 -53.49
CA GLY A 113 -23.97 10.73 -54.20
C GLY A 113 -23.00 11.20 -55.27
N GLU A 114 -23.44 12.12 -56.12
CA GLU A 114 -22.60 12.53 -57.25
C GLU A 114 -21.51 13.51 -56.84
N LEU A 115 -21.72 14.29 -55.78
CA LEU A 115 -20.66 15.17 -55.30
C LEU A 115 -19.46 14.36 -54.82
N PHE A 116 -19.72 13.32 -54.01
CA PHE A 116 -18.66 12.43 -53.53
C PHE A 116 -18.36 11.30 -54.51
N ASN A 117 -19.04 11.26 -55.66
CA ASN A 117 -18.70 10.34 -56.74
C ASN A 117 -17.74 10.98 -57.73
N ASN A 118 -17.94 12.26 -58.05
CA ASN A 118 -17.02 12.98 -58.92
C ASN A 118 -15.71 13.27 -58.18
N PHE A 119 -15.79 13.69 -56.93
CA PHE A 119 -14.62 14.02 -56.11
C PHE A 119 -14.28 12.89 -55.14
N ASN A 120 -14.37 11.64 -55.59
CA ASN A 120 -14.13 10.51 -54.69
C ASN A 120 -12.66 10.41 -54.30
N LYS A 121 -11.75 10.66 -55.25
CA LYS A 121 -10.33 10.70 -54.91
C LYS A 121 -10.04 11.77 -53.87
N LEU A 122 -10.64 12.95 -54.04
CA LEU A 122 -10.47 14.01 -53.05
C LEU A 122 -11.05 13.61 -51.70
N ALA A 123 -12.20 12.93 -51.70
CA ALA A 123 -12.79 12.47 -50.45
C ALA A 123 -11.86 11.51 -49.73
N ILE A 124 -11.31 10.54 -50.46
CA ILE A 124 -10.40 9.56 -49.85
C ILE A 124 -9.13 10.25 -49.36
N ASP A 125 -8.66 11.27 -50.09
CA ASP A 125 -7.45 11.97 -49.66
C ASP A 125 -7.70 12.80 -48.40
N VAL A 126 -8.88 13.40 -48.29
CA VAL A 126 -9.22 14.12 -47.06
C VAL A 126 -9.37 13.14 -45.90
N LEU A 127 -9.92 11.95 -46.17
CA LEU A 127 -10.10 10.96 -45.13
C LEU A 127 -8.77 10.36 -44.68
N THR A 128 -7.75 10.40 -45.54
CA THR A 128 -6.48 9.76 -45.22
C THR A 128 -5.89 10.33 -43.94
N ASN A 129 -5.52 9.42 -43.03
CA ASN A 129 -4.98 9.71 -41.70
C ASN A 129 -6.03 10.29 -40.76
N ASN A 130 -7.30 10.26 -41.13
CA ASN A 130 -8.37 10.70 -40.24
C ASN A 130 -9.47 9.65 -40.10
N GLU A 131 -9.25 8.44 -40.60
CA GLU A 131 -10.29 7.41 -40.53
C GLU A 131 -10.57 6.97 -39.10
N VAL A 132 -9.50 6.75 -38.32
CA VAL A 132 -9.69 6.31 -36.93
C VAL A 132 -10.41 7.37 -36.12
N ALA A 133 -10.02 8.63 -36.27
CA ALA A 133 -10.64 9.70 -35.49
C ALA A 133 -12.12 9.83 -35.81
N ILE A 134 -12.47 9.82 -37.10
CA ILE A 134 -13.87 9.99 -37.49
C ILE A 134 -14.69 8.77 -37.08
N ALA A 135 -14.12 7.57 -37.22
CA ALA A 135 -14.83 6.37 -36.79
C ALA A 135 -15.08 6.39 -35.28
N LEU A 136 -14.09 6.84 -34.51
CA LEU A 136 -14.27 6.97 -33.06
C LEU A 136 -15.37 7.97 -32.74
N ARG A 137 -15.37 9.12 -33.42
CA ARG A 137 -16.38 10.14 -33.16
C ARG A 137 -17.78 9.62 -33.49
N LEU A 138 -17.91 8.93 -34.62
CA LEU A 138 -19.22 8.39 -35.00
C LEU A 138 -19.68 7.32 -34.03
N ALA A 139 -18.77 6.45 -33.58
CA ALA A 139 -19.14 5.47 -32.57
C ALA A 139 -19.55 6.14 -31.26
N GLU A 140 -18.94 7.29 -30.95
CA GLU A 140 -19.28 7.97 -29.70
C GLU A 140 -20.64 8.64 -29.76
N THR A 141 -20.99 9.25 -30.90
CA THR A 141 -22.20 10.07 -30.94
C THR A 141 -23.41 9.40 -31.57
N THR A 142 -23.24 8.33 -32.34
CA THR A 142 -24.36 7.73 -33.06
C THR A 142 -25.22 6.90 -32.10
N PRO A 143 -26.53 7.11 -32.06
CA PRO A 143 -27.40 6.20 -31.29
C PRO A 143 -27.35 4.79 -31.86
N ALA A 144 -27.77 3.83 -31.03
CA ALA A 144 -27.70 2.43 -31.42
C ALA A 144 -28.65 2.12 -32.57
N GLN A 145 -29.87 2.66 -32.52
CA GLN A 145 -30.87 2.38 -33.54
C GLN A 145 -30.35 2.74 -34.93
N ASP A 146 -29.75 3.92 -35.06
CA ASP A 146 -29.21 4.39 -36.32
C ASP A 146 -27.86 3.77 -36.66
N ARG A 147 -27.29 2.96 -35.76
CA ARG A 147 -25.91 2.52 -35.91
C ARG A 147 -25.68 1.81 -37.25
N SER A 148 -26.57 0.88 -37.60
CA SER A 148 -26.42 0.14 -38.85
C SER A 148 -26.84 0.95 -40.06
N ARG A 149 -27.63 2.01 -39.88
CA ARG A 149 -28.00 2.82 -41.04
C ARG A 149 -26.85 3.74 -41.45
N VAL A 150 -26.30 4.49 -40.48
CA VAL A 150 -25.08 5.27 -40.69
C VAL A 150 -24.07 4.44 -41.47
N SER A 151 -23.68 3.30 -40.89
CA SER A 151 -22.73 2.41 -41.54
C SER A 151 -23.10 2.14 -42.99
N GLN A 152 -24.36 1.79 -43.25
CA GLN A 152 -24.77 1.47 -44.61
C GLN A 152 -24.47 2.63 -45.56
N ASN A 153 -24.83 3.85 -45.16
CA ASN A 153 -24.53 5.02 -45.98
C ASN A 153 -23.04 5.08 -46.31
N ILE A 154 -22.19 4.88 -45.30
CA ILE A 154 -20.75 4.95 -45.51
C ILE A 154 -20.32 3.89 -46.52
N ASN A 155 -20.96 2.73 -46.52
CA ASN A 155 -20.57 1.69 -47.47
C ASN A 155 -21.03 2.00 -48.88
N ASN A 156 -22.08 2.82 -49.04
CA ASN A 156 -22.55 3.14 -50.38
C ASN A 156 -21.71 4.21 -51.03
N ILE A 157 -21.18 5.15 -50.24
CA ILE A 157 -20.44 6.28 -50.80
C ILE A 157 -18.95 5.98 -50.87
N PHE A 158 -18.40 5.28 -49.88
CA PHE A 158 -16.98 4.94 -49.83
C PHE A 158 -16.83 3.42 -49.85
N PRO A 159 -17.18 2.77 -50.95
CA PRO A 159 -17.21 1.29 -50.97
C PRO A 159 -15.80 0.72 -50.99
N GLN A 160 -15.58 -0.28 -50.12
CA GLN A 160 -14.30 -0.98 -50.01
C GLN A 160 -13.17 -0.01 -49.69
N SER A 161 -13.40 0.85 -48.70
CA SER A 161 -12.43 1.83 -48.27
C SER A 161 -11.98 1.55 -46.83
N LEU A 162 -10.81 2.09 -46.50
CA LEU A 162 -10.31 1.97 -45.13
C LEU A 162 -11.26 2.64 -44.14
N PHE A 163 -11.88 3.74 -44.55
CA PHE A 163 -12.76 4.49 -43.66
C PHE A 163 -13.98 3.67 -43.25
N ALA A 164 -14.63 3.02 -44.23
CA ALA A 164 -15.81 2.21 -43.91
C ALA A 164 -15.45 1.04 -43.01
N ALA A 165 -14.31 0.41 -43.26
CA ALA A 165 -13.86 -0.69 -42.39
C ALA A 165 -13.63 -0.20 -40.97
N LYS A 166 -12.98 0.96 -40.80
CA LYS A 166 -12.73 1.48 -39.47
C LYS A 166 -14.04 1.83 -38.75
N VAL A 167 -15.01 2.37 -39.50
CA VAL A 167 -16.30 2.69 -38.89
C VAL A 167 -17.00 1.42 -38.42
N GLY A 168 -16.97 0.37 -39.24
CA GLY A 168 -17.50 -0.90 -38.81
C GLY A 168 -16.83 -1.41 -37.53
N HIS A 169 -15.51 -1.30 -37.47
CA HIS A 169 -14.77 -1.78 -36.31
C HIS A 169 -15.16 -1.02 -35.05
N ALA A 170 -15.19 0.31 -35.14
CA ALA A 170 -15.53 1.13 -33.97
C ALA A 170 -16.97 0.86 -33.51
N PHE A 171 -17.90 0.71 -34.46
CA PHE A 171 -19.27 0.37 -34.09
C PHE A 171 -19.33 -0.97 -33.38
N ALA A 172 -18.57 -1.96 -33.85
CA ALA A 172 -18.56 -3.26 -33.20
C ALA A 172 -18.03 -3.16 -31.78
N VAL A 173 -16.94 -2.41 -31.59
CA VAL A 173 -16.37 -2.27 -30.25
C VAL A 173 -17.35 -1.60 -29.30
N ARG A 174 -18.03 -0.53 -29.78
CA ARG A 174 -19.02 0.14 -28.95
C ARG A 174 -20.17 -0.80 -28.59
N ARG A 175 -20.68 -1.53 -29.57
CA ARG A 175 -21.79 -2.46 -29.33
C ARG A 175 -21.41 -3.52 -28.30
N ASP A 176 -20.19 -4.05 -28.40
CA ASP A 176 -19.80 -5.11 -27.46
C ASP A 176 -19.48 -4.57 -26.08
N ILE A 177 -19.07 -3.33 -25.99
CA ILE A 177 -18.76 -2.75 -24.67
C ILE A 177 -20.07 -2.49 -23.94
N GLU A 178 -21.16 -2.28 -24.67
CA GLU A 178 -22.46 -1.95 -24.06
C GLU A 178 -23.24 -3.21 -23.77
N ARG A 179 -23.29 -4.14 -24.73
CA ARG A 179 -24.12 -5.32 -24.48
C ARG A 179 -23.39 -6.37 -23.64
N LEU A 180 -22.07 -6.47 -23.74
CA LEU A 180 -21.33 -7.55 -23.09
C LEU A 180 -20.54 -7.08 -21.88
N LEU A 181 -19.60 -6.14 -22.06
CA LEU A 181 -18.72 -5.75 -20.96
C LEU A 181 -19.50 -5.16 -19.80
N LEU A 182 -20.47 -4.30 -20.10
CA LEU A 182 -21.31 -3.69 -19.06
C LEU A 182 -22.53 -4.52 -18.72
N GLY A 183 -22.61 -5.77 -19.18
CA GLY A 183 -23.74 -6.63 -18.93
C GLY A 183 -23.50 -7.62 -17.81
N ASP A 184 -24.39 -8.60 -17.72
CA ASP A 184 -24.31 -9.64 -16.71
C ASP A 184 -23.26 -10.71 -17.03
N ARG A 185 -22.77 -10.77 -18.27
CA ARG A 185 -21.76 -11.75 -18.66
C ARG A 185 -20.59 -11.05 -19.33
N PRO A 186 -19.83 -10.23 -18.59
CA PRO A 186 -18.73 -9.49 -19.21
C PRO A 186 -17.58 -10.37 -19.70
N ASP A 187 -17.53 -11.65 -19.33
CA ASP A 187 -16.51 -12.52 -19.87
C ASP A 187 -16.74 -12.80 -21.36
N GLN A 188 -17.99 -12.71 -21.82
CA GLN A 188 -18.28 -12.96 -23.22
C GLN A 188 -17.72 -11.87 -24.12
N PHE A 189 -17.50 -10.66 -23.59
CA PHE A 189 -16.80 -9.63 -24.34
C PHE A 189 -15.45 -10.13 -24.81
N PHE A 190 -14.77 -10.91 -23.97
CA PHE A 190 -13.43 -11.43 -24.28
C PHE A 190 -13.47 -12.78 -24.98
N SER A 191 -14.45 -13.62 -24.66
CA SER A 191 -14.53 -14.94 -25.26
C SER A 191 -15.27 -14.96 -26.60
N SER A 192 -15.70 -13.81 -27.10
CA SER A 192 -16.43 -13.76 -28.37
C SER A 192 -15.52 -14.11 -29.53
N ARG A 193 -16.10 -14.79 -30.53
CA ARG A 193 -15.35 -15.10 -31.74
C ARG A 193 -14.95 -13.84 -32.49
N GLU A 194 -15.73 -12.76 -32.35
CA GLU A 194 -15.46 -11.51 -33.04
C GLU A 194 -14.48 -10.62 -32.28
N PHE A 195 -13.85 -11.12 -31.22
CA PHE A 195 -12.94 -10.30 -30.44
C PHE A 195 -11.70 -9.95 -31.26
N LYS A 196 -11.40 -8.66 -31.35
CA LYS A 196 -10.27 -8.16 -32.13
C LYS A 196 -9.48 -7.19 -31.26
N ILE A 197 -8.30 -7.63 -30.81
CA ILE A 197 -7.50 -6.82 -29.90
C ILE A 197 -7.08 -5.52 -30.57
N ASP A 198 -6.82 -5.54 -31.87
CA ASP A 198 -6.38 -4.33 -32.56
C ASP A 198 -7.53 -3.33 -32.68
N SER A 199 -8.78 -3.80 -32.80
CA SER A 199 -9.91 -2.88 -32.78
C SER A 199 -10.07 -2.24 -31.40
N CYS A 200 -9.85 -3.03 -30.33
CA CYS A 200 -9.91 -2.48 -28.99
C CYS A 200 -8.83 -1.43 -28.77
N ILE A 201 -7.62 -1.69 -29.27
CA ILE A 201 -6.52 -0.75 -29.05
C ILE A 201 -6.71 0.51 -29.90
N GLU A 202 -7.08 0.35 -31.17
CA GLU A 202 -7.25 1.49 -32.05
C GLU A 202 -8.32 2.45 -31.56
N PHE A 203 -9.35 1.94 -30.89
CA PHE A 203 -10.46 2.75 -30.41
C PHE A 203 -10.58 2.67 -28.89
N ALA A 204 -9.45 2.74 -28.20
CA ALA A 204 -9.43 2.56 -26.75
C ALA A 204 -10.22 3.63 -26.01
N SER A 205 -10.38 4.82 -26.60
CA SER A 205 -11.15 5.87 -25.95
C SER A 205 -12.58 5.42 -25.67
N LEU A 206 -13.10 4.49 -26.47
CA LEU A 206 -14.45 3.97 -26.25
C LEU A 206 -14.61 3.29 -24.91
N PHE A 207 -13.52 2.84 -24.28
CA PHE A 207 -13.64 2.23 -22.97
C PHE A 207 -13.78 3.26 -21.85
N ASN A 208 -13.64 4.55 -22.16
CA ASN A 208 -13.85 5.59 -21.17
C ASN A 208 -15.26 5.55 -20.58
N VAL A 209 -16.19 4.82 -21.22
CA VAL A 209 -17.54 4.72 -20.70
C VAL A 209 -17.58 3.87 -19.43
N ILE A 210 -16.62 2.96 -19.25
CA ILE A 210 -16.65 2.10 -18.06
C ILE A 210 -16.04 2.77 -16.83
N ASN A 211 -15.62 4.03 -16.94
CA ASN A 211 -14.99 4.71 -15.81
C ASN A 211 -15.93 4.76 -14.62
N ASP A 212 -15.37 4.51 -13.43
CA ASP A 212 -16.11 4.43 -12.17
C ASP A 212 -17.12 3.29 -12.16
N LYS A 213 -17.00 2.34 -13.10
CA LYS A 213 -17.78 1.13 -13.09
C LYS A 213 -16.90 -0.12 -13.07
N GLU A 214 -15.59 0.04 -12.88
CA GLU A 214 -14.69 -1.09 -12.95
C GLU A 214 -14.88 -2.06 -11.78
N SER A 215 -15.38 -1.57 -10.64
CA SER A 215 -15.64 -2.47 -9.52
C SER A 215 -16.72 -3.48 -9.86
N SER A 216 -17.84 -3.01 -10.40
CA SER A 216 -18.94 -3.90 -10.77
C SER A 216 -18.52 -4.87 -11.87
N ILE A 217 -17.82 -4.37 -12.89
CA ILE A 217 -17.37 -5.23 -13.97
C ILE A 217 -16.42 -6.29 -13.45
N ALA A 218 -15.51 -5.89 -12.54
CA ALA A 218 -14.55 -6.85 -11.99
C ALA A 218 -15.25 -7.91 -11.15
N GLY A 219 -16.26 -7.51 -10.38
CA GLY A 219 -17.02 -8.48 -9.61
C GLY A 219 -17.73 -9.49 -10.49
N LYS A 220 -18.41 -8.99 -11.53
CA LYS A 220 -19.11 -9.89 -12.45
C LYS A 220 -18.13 -10.78 -13.21
N LEU A 221 -16.94 -10.26 -13.54
CA LEU A 221 -15.93 -11.08 -14.20
C LEU A 221 -15.47 -12.19 -13.28
N ALA A 222 -15.08 -11.85 -12.05
CA ALA A 222 -14.64 -12.87 -11.09
C ALA A 222 -15.74 -13.90 -10.85
N LEU A 223 -17.01 -13.49 -10.92
CA LEU A 223 -18.09 -14.43 -10.64
C LEU A 223 -18.37 -15.36 -11.82
N ARG A 224 -18.43 -14.82 -13.04
CA ARG A 224 -18.95 -15.60 -14.18
C ARG A 224 -17.88 -16.12 -15.13
N THR A 225 -16.65 -15.60 -15.07
CA THR A 225 -15.61 -16.06 -15.99
C THR A 225 -15.24 -17.51 -15.70
N PRO A 226 -15.16 -18.37 -16.71
CA PRO A 226 -14.64 -19.72 -16.48
C PRO A 226 -13.16 -19.69 -16.14
N ALA A 227 -12.72 -20.68 -15.35
CA ALA A 227 -11.36 -20.67 -14.83
C ALA A 227 -10.32 -20.68 -15.96
N GLU A 228 -10.62 -21.39 -17.05
CA GLU A 228 -9.64 -21.46 -18.14
C GLU A 228 -9.54 -20.15 -18.92
N ASN A 229 -10.49 -19.23 -18.75
CA ASN A 229 -10.50 -17.97 -19.48
C ASN A 229 -9.91 -16.81 -18.70
N ARG A 230 -9.53 -17.02 -17.43
CA ARG A 230 -9.15 -15.90 -16.56
C ARG A 230 -7.85 -15.25 -17.03
N THR A 231 -6.82 -16.08 -17.26
CA THR A 231 -5.56 -15.56 -17.79
C THR A 231 -5.77 -14.83 -19.10
N ASP A 232 -6.63 -15.36 -19.96
CA ASP A 232 -6.90 -14.74 -21.26
C ASP A 232 -7.54 -13.37 -21.09
N VAL A 233 -8.54 -13.27 -20.22
CA VAL A 233 -9.18 -12.00 -19.93
C VAL A 233 -8.16 -10.99 -19.42
N VAL A 234 -7.30 -11.41 -18.50
CA VAL A 234 -6.32 -10.50 -17.91
C VAL A 234 -5.32 -10.02 -18.96
N MET A 235 -4.84 -10.95 -19.81
CA MET A 235 -3.89 -10.57 -20.84
C MET A 235 -4.50 -9.61 -21.83
N LYS A 236 -5.77 -9.81 -22.19
CA LYS A 236 -6.43 -8.88 -23.12
C LYS A 236 -6.61 -7.50 -22.50
N ILE A 237 -7.01 -7.45 -21.23
CA ILE A 237 -7.14 -6.16 -20.56
C ILE A 237 -5.80 -5.44 -20.53
N LYS A 238 -4.74 -6.14 -20.11
CA LYS A 238 -3.41 -5.54 -20.16
C LYS A 238 -2.98 -5.21 -21.58
N GLY A 239 -3.63 -5.81 -22.57
CA GLY A 239 -3.32 -5.51 -23.96
C GLY A 239 -3.90 -4.19 -24.43
N PHE A 240 -5.15 -3.89 -24.10
CA PHE A 240 -5.75 -2.63 -24.53
C PHE A 240 -5.96 -1.63 -23.39
N CYS A 241 -5.47 -1.91 -22.19
CA CYS A 241 -5.54 -0.96 -21.08
C CYS A 241 -4.16 -0.77 -20.49
N ALA A 242 -4.00 0.32 -19.76
CA ALA A 242 -2.78 0.55 -19.00
C ALA A 242 -2.66 -0.47 -17.88
N GLU A 243 -1.43 -0.89 -17.59
CA GLU A 243 -1.20 -1.86 -16.53
C GLU A 243 -1.59 -1.30 -15.16
N ASP A 244 -1.59 0.02 -15.00
CA ASP A 244 -2.03 0.67 -13.77
C ASP A 244 -3.45 1.22 -13.88
N SER A 245 -4.18 0.86 -14.93
CA SER A 245 -5.56 1.30 -15.06
C SER A 245 -6.41 0.65 -13.97
N GLU A 246 -7.54 1.30 -13.68
CA GLU A 246 -8.45 0.76 -12.67
C GLU A 246 -8.92 -0.64 -13.03
N LEU A 247 -9.28 -0.86 -14.29
CA LEU A 247 -9.87 -2.14 -14.70
C LEU A 247 -8.93 -3.31 -14.40
N ALA A 248 -7.65 -3.18 -14.77
CA ALA A 248 -6.72 -4.28 -14.57
C ALA A 248 -6.52 -4.59 -13.09
N ILE A 249 -6.23 -3.56 -12.29
CA ILE A 249 -6.03 -3.74 -10.86
C ILE A 249 -7.25 -4.44 -10.24
N LYS A 250 -8.44 -3.92 -10.54
CA LYS A 250 -9.64 -4.43 -9.90
C LYS A 250 -9.95 -5.86 -10.34
N VAL A 251 -9.78 -6.16 -11.63
CA VAL A 251 -10.07 -7.51 -12.13
C VAL A 251 -9.12 -8.52 -11.50
N GLN A 252 -7.82 -8.19 -11.43
CA GLN A 252 -6.87 -9.11 -10.84
C GLN A 252 -7.15 -9.30 -9.34
N SER A 253 -7.50 -8.22 -8.63
CA SER A 253 -7.77 -8.36 -7.21
C SER A 253 -9.06 -9.14 -6.96
N ALA A 254 -10.05 -9.02 -7.85
CA ALA A 254 -11.29 -9.78 -7.68
C ALA A 254 -11.04 -11.27 -7.93
N PHE A 255 -10.25 -11.60 -8.96
CA PHE A 255 -9.85 -12.99 -9.14
C PHE A 255 -9.12 -13.51 -7.91
N ALA A 256 -8.20 -12.71 -7.36
CA ALA A 256 -7.47 -13.12 -6.17
C ALA A 256 -8.40 -13.36 -5.00
N LEU A 257 -9.40 -12.49 -4.83
CA LEU A 257 -10.35 -12.64 -3.72
C LEU A 257 -11.17 -13.92 -3.88
N ARG A 258 -11.60 -14.22 -5.11
CA ARG A 258 -12.32 -15.49 -5.32
C ARG A 258 -11.42 -16.68 -5.00
N ARG A 259 -10.15 -16.62 -5.40
CA ARG A 259 -9.23 -17.70 -5.05
C ARG A 259 -9.11 -17.84 -3.53
N ASP A 260 -9.01 -16.71 -2.83
CA ASP A 260 -8.93 -16.73 -1.37
C ASP A 260 -10.17 -17.36 -0.75
N ILE A 261 -11.35 -16.98 -1.24
CA ILE A 261 -12.59 -17.56 -0.74
C ILE A 261 -12.60 -19.07 -0.94
N GLU A 262 -12.21 -19.52 -2.14
CA GLU A 262 -12.33 -20.93 -2.45
C GLU A 262 -11.28 -21.77 -1.73
N ARG A 263 -10.09 -21.21 -1.47
CA ARG A 263 -9.02 -21.98 -0.85
C ARG A 263 -9.10 -21.96 0.68
N ASN A 264 -9.29 -20.78 1.27
CA ASN A 264 -9.21 -20.63 2.72
C ASN A 264 -10.57 -20.57 3.39
N LEU A 265 -11.55 -19.87 2.81
CA LEU A 265 -12.86 -19.80 3.43
C LEU A 265 -13.65 -21.08 3.28
N LEU A 266 -13.46 -21.79 2.16
CA LEU A 266 -14.15 -23.05 1.92
C LEU A 266 -13.25 -24.25 2.17
N GLY A 267 -12.10 -24.04 2.80
CA GLY A 267 -11.20 -25.12 3.18
C GLY A 267 -11.49 -25.67 4.55
N ASP A 268 -10.44 -26.13 5.22
CA ASP A 268 -10.58 -26.78 6.53
C ASP A 268 -10.52 -25.80 7.69
N ASN A 269 -9.85 -24.65 7.52
CA ASN A 269 -9.68 -23.65 8.57
C ASN A 269 -10.22 -22.30 8.10
N PRO A 270 -11.54 -22.14 8.04
CA PRO A 270 -12.10 -20.85 7.59
C PRO A 270 -11.65 -19.67 8.40
N GLU A 271 -11.29 -19.87 9.67
CA GLU A 271 -10.80 -18.76 10.50
C GLU A 271 -9.57 -18.10 9.90
N GLN A 272 -8.71 -18.89 9.23
CA GLN A 272 -7.54 -18.31 8.57
C GLN A 272 -7.94 -17.28 7.51
N PHE A 273 -9.13 -17.43 6.93
CA PHE A 273 -9.59 -16.43 5.97
C PHE A 273 -9.78 -15.07 6.64
N PHE A 274 -10.24 -15.06 7.89
CA PHE A 274 -10.57 -13.81 8.56
C PHE A 274 -9.40 -13.24 9.36
N SER A 275 -8.46 -14.08 9.80
CA SER A 275 -7.34 -13.62 10.60
C SER A 275 -6.09 -13.37 9.78
N SER A 276 -6.13 -13.61 8.47
CA SER A 276 -4.95 -13.41 7.64
C SER A 276 -4.70 -11.92 7.40
N ARG A 277 -3.43 -11.59 7.12
CA ARG A 277 -3.08 -10.21 6.81
C ARG A 277 -3.69 -9.76 5.48
N ASP A 278 -4.10 -10.70 4.62
CA ASP A 278 -4.73 -10.37 3.36
C ASP A 278 -6.22 -10.05 3.49
N PHE A 279 -6.81 -10.23 4.66
CA PHE A 279 -8.23 -10.01 4.84
C PHE A 279 -8.53 -8.52 4.87
N SER A 280 -9.60 -8.13 4.17
CA SER A 280 -10.02 -6.74 4.11
C SER A 280 -11.54 -6.70 4.00
N VAL A 281 -12.19 -6.02 4.94
CA VAL A 281 -13.63 -5.82 4.83
C VAL A 281 -13.97 -4.97 3.62
N ASP A 282 -13.13 -3.96 3.33
CA ASP A 282 -13.33 -3.14 2.15
C ASP A 282 -13.30 -3.97 0.87
N LEU A 283 -12.38 -4.92 0.78
CA LEU A 283 -12.27 -5.76 -0.41
C LEU A 283 -13.48 -6.69 -0.54
N CYS A 284 -13.91 -7.29 0.57
CA CYS A 284 -15.09 -8.15 0.53
C CYS A 284 -16.33 -7.37 0.12
N LEU A 285 -16.47 -6.14 0.61
CA LEU A 285 -17.62 -5.31 0.24
C LEU A 285 -17.55 -4.91 -1.22
N GLU A 286 -16.35 -4.56 -1.71
CA GLU A 286 -16.21 -4.13 -3.09
C GLU A 286 -16.65 -5.20 -4.08
N PHE A 287 -16.52 -6.48 -3.69
CA PHE A 287 -16.85 -7.61 -4.53
C PHE A 287 -17.83 -8.55 -3.83
N ALA A 288 -18.81 -7.96 -3.13
CA ALA A 288 -19.74 -8.74 -2.33
C ALA A 288 -20.54 -9.73 -3.17
N ILE A 289 -20.75 -9.42 -4.45
CA ILE A 289 -21.53 -10.29 -5.34
C ILE A 289 -20.95 -11.70 -5.38
N LEU A 290 -19.67 -11.86 -5.04
CA LEU A 290 -19.06 -13.19 -5.08
C LEU A 290 -19.62 -14.12 -4.00
N PHE A 291 -20.10 -13.58 -2.88
CA PHE A 291 -20.26 -14.42 -1.69
C PHE A 291 -21.51 -15.29 -1.68
N PRO A 292 -22.71 -14.79 -2.00
CA PRO A 292 -23.89 -15.68 -1.95
C PRO A 292 -23.77 -16.93 -2.81
N GLU A 293 -23.20 -16.81 -4.01
CA GLU A 293 -23.04 -17.98 -4.87
C GLU A 293 -22.02 -18.95 -4.30
N LEU A 294 -20.81 -18.47 -4.03
CA LEU A 294 -19.73 -19.36 -3.61
C LEU A 294 -19.93 -19.91 -2.21
N LEU A 295 -20.73 -19.26 -1.37
CA LEU A 295 -21.05 -19.76 -0.04
C LEU A 295 -22.42 -20.42 0.03
N LYS A 296 -23.07 -20.66 -1.12
CA LYS A 296 -24.40 -21.22 -1.12
C LYS A 296 -24.38 -22.64 -0.60
N GLY A 297 -25.10 -22.89 0.48
CA GLY A 297 -25.15 -24.21 1.07
C GLY A 297 -23.85 -24.64 1.71
N HIS A 298 -23.11 -23.70 2.30
CA HIS A 298 -21.88 -24.02 3.02
C HIS A 298 -21.80 -23.34 4.38
N GLU A 299 -22.79 -22.53 4.75
CA GLU A 299 -22.71 -21.77 6.00
C GLU A 299 -22.62 -22.69 7.21
N GLN A 300 -23.28 -23.85 7.18
CA GLN A 300 -23.29 -24.71 8.36
C GLN A 300 -21.94 -25.40 8.55
N ALA A 301 -21.31 -25.86 7.46
CA ALA A 301 -19.99 -26.48 7.58
C ALA A 301 -18.96 -25.51 8.12
N ILE A 302 -19.00 -24.27 7.64
CA ILE A 302 -18.08 -23.24 8.14
C ILE A 302 -18.39 -22.93 9.61
N GLY A 303 -19.68 -22.79 9.95
CA GLY A 303 -20.04 -22.54 11.33
C GLY A 303 -19.57 -23.64 12.26
N GLU A 304 -19.59 -24.89 11.78
CA GLU A 304 -19.08 -25.99 12.58
C GLU A 304 -17.56 -25.96 12.68
N LYS A 305 -16.88 -25.57 11.59
CA LYS A 305 -15.43 -25.41 11.64
C LYS A 305 -15.00 -24.16 12.39
N LEU A 306 -15.94 -23.35 12.90
CA LEU A 306 -15.63 -22.19 13.72
C LEU A 306 -16.16 -22.31 15.15
N ALA A 307 -16.58 -23.50 15.57
CA ALA A 307 -17.34 -23.60 16.81
C ALA A 307 -16.48 -23.40 18.06
N LYS A 308 -15.22 -23.82 18.01
CA LYS A 308 -14.35 -23.78 19.19
C LYS A 308 -13.65 -22.44 19.37
N LEU A 309 -14.04 -21.41 18.63
CA LEU A 309 -13.46 -20.09 18.81
C LEU A 309 -14.14 -19.35 19.95
N ASP A 310 -13.49 -18.28 20.41
CA ASP A 310 -14.07 -17.44 21.46
C ASP A 310 -15.36 -16.81 20.97
N ALA A 311 -16.21 -16.41 21.92
CA ALA A 311 -17.51 -15.84 21.58
C ALA A 311 -17.35 -14.53 20.81
N LYS A 312 -16.38 -13.70 21.20
CA LYS A 312 -16.13 -12.45 20.51
C LYS A 312 -15.74 -12.70 19.05
N VAL A 313 -14.86 -13.67 18.81
CA VAL A 313 -14.39 -13.96 17.46
C VAL A 313 -15.52 -14.48 16.59
N ARG A 314 -16.30 -15.44 17.12
CA ARG A 314 -17.43 -15.98 16.36
C ARG A 314 -18.45 -14.89 16.02
N SER A 315 -18.79 -14.05 17.01
CA SER A 315 -19.75 -12.97 16.77
C SER A 315 -19.22 -11.99 15.74
N ASP A 316 -17.93 -11.64 15.81
CA ASP A 316 -17.35 -10.71 14.85
C ASP A 316 -17.38 -11.28 13.44
N ILE A 317 -17.05 -12.56 13.29
CA ILE A 317 -17.06 -13.19 11.97
C ILE A 317 -18.47 -13.23 11.41
N SER A 318 -19.46 -13.59 12.24
CA SER A 318 -20.83 -13.64 11.75
C SER A 318 -21.35 -12.25 11.39
N ARG A 319 -20.97 -11.23 12.17
CA ARG A 319 -21.33 -9.86 11.84
C ARG A 319 -20.78 -9.46 10.48
N LYS A 320 -19.49 -9.73 10.25
CA LYS A 320 -18.88 -9.38 8.97
C LYS A 320 -19.56 -10.13 7.82
N LEU A 321 -19.93 -11.37 8.03
CA LEU A 321 -20.52 -12.11 6.89
C LEU A 321 -21.91 -11.58 6.56
N GLU A 322 -22.65 -11.13 7.56
CA GLU A 322 -24.04 -10.65 7.34
C GLU A 322 -24.00 -9.29 6.66
N MET A 323 -22.98 -8.51 7.01
CA MET A 323 -22.79 -7.20 6.36
C MET A 323 -22.37 -7.42 4.91
N ILE A 324 -21.43 -8.34 4.69
CA ILE A 324 -21.02 -8.60 3.30
C ILE A 324 -22.21 -9.09 2.48
N ASN A 325 -23.04 -9.96 3.05
CA ASN A 325 -24.21 -10.43 2.34
C ASN A 325 -25.20 -9.30 2.10
N GLY A 326 -25.31 -8.36 3.04
CA GLY A 326 -26.16 -7.20 2.84
C GLY A 326 -25.64 -6.28 1.74
N ALA A 327 -24.32 -6.18 1.60
CA ALA A 327 -23.76 -5.40 0.50
C ALA A 327 -24.07 -6.03 -0.85
N ALA A 328 -24.18 -7.35 -0.90
CA ALA A 328 -24.73 -8.01 -2.07
C ALA A 328 -26.24 -7.71 -2.14
N HIS A 329 -26.87 -8.18 -3.22
CA HIS A 329 -28.25 -7.78 -3.54
C HIS A 329 -28.34 -6.26 -3.63
N GLU A 330 -27.31 -5.64 -4.21
CA GLU A 330 -27.25 -4.20 -4.38
C GLU A 330 -26.35 -3.87 -5.56
N THR B 4 59.42 -22.77 37.97
CA THR B 4 59.04 -22.55 39.35
C THR B 4 59.24 -21.07 39.70
N PHE B 5 58.36 -20.54 40.55
CA PHE B 5 58.36 -19.12 40.85
C PHE B 5 58.36 -18.91 42.36
N THR B 6 59.04 -17.85 42.79
CA THR B 6 58.86 -17.34 44.13
C THR B 6 57.55 -16.57 44.21
N CYS B 7 57.12 -16.26 45.44
CA CYS B 7 55.87 -15.53 45.60
C CYS B 7 55.96 -14.13 45.00
N ASP B 8 57.14 -13.50 45.07
CA ASP B 8 57.31 -12.18 44.48
C ASP B 8 57.24 -12.27 42.95
N GLU B 9 57.82 -13.32 42.35
CA GLU B 9 57.66 -13.53 40.93
C GLU B 9 56.22 -13.85 40.56
N LEU B 10 55.47 -14.45 41.49
CA LEU B 10 54.07 -14.77 41.24
C LEU B 10 53.18 -13.53 41.31
N LYS B 11 53.58 -12.54 42.12
CA LYS B 11 52.78 -11.31 42.21
C LYS B 11 52.70 -10.60 40.86
N GLY B 12 53.82 -10.52 40.13
CA GLY B 12 53.91 -9.60 39.02
C GLY B 12 53.77 -10.17 37.63
N LEU B 13 53.10 -11.31 37.48
CA LEU B 13 52.87 -11.86 36.15
C LEU B 13 51.92 -10.96 35.36
N GLU B 14 52.29 -10.65 34.11
CA GLU B 14 51.45 -9.81 33.27
C GLU B 14 50.07 -10.43 33.06
N HIS B 15 50.04 -11.64 32.50
CA HIS B 15 48.81 -12.39 32.29
C HIS B 15 48.89 -13.67 33.11
N PRO B 16 48.44 -13.64 34.38
CA PRO B 16 48.62 -14.82 35.24
C PRO B 16 47.77 -16.01 34.87
N TYR B 17 46.73 -15.85 34.04
CA TYR B 17 45.86 -16.99 33.75
C TYR B 17 46.49 -17.94 32.75
N GLU B 18 47.24 -17.43 31.77
CA GLU B 18 47.91 -18.32 30.83
C GLU B 18 48.96 -19.18 31.52
N VAL B 19 49.51 -18.69 32.63
CA VAL B 19 50.56 -19.40 33.35
C VAL B 19 49.96 -20.34 34.39
N LEU B 20 49.17 -19.78 35.31
CA LEU B 20 48.67 -20.53 36.45
C LEU B 20 47.27 -21.09 36.26
N GLY B 21 46.71 -20.99 35.05
CA GLY B 21 45.33 -21.40 34.83
C GLY B 21 45.14 -22.87 34.54
N ASN B 22 46.02 -23.72 35.06
CA ASN B 22 45.93 -25.15 34.87
C ASN B 22 46.29 -25.86 36.17
N GLY B 23 45.87 -27.12 36.27
CA GLY B 23 46.10 -27.87 37.51
C GLY B 23 47.57 -28.10 37.81
N ASP B 24 48.39 -28.28 36.77
CA ASP B 24 49.81 -28.53 36.99
C ASP B 24 50.49 -27.31 37.62
N ALA B 25 50.23 -26.13 37.06
CA ALA B 25 50.92 -24.92 37.53
C ALA B 25 50.52 -24.56 38.95
N LEU B 26 49.23 -24.73 39.29
CA LEU B 26 48.78 -24.43 40.64
C LEU B 26 49.40 -25.40 41.65
N ALA B 27 49.40 -26.69 41.32
CA ALA B 27 49.97 -27.69 42.22
C ALA B 27 51.47 -27.47 42.40
N GLU B 28 52.17 -27.07 41.33
CA GLU B 28 53.60 -26.87 41.42
C GLU B 28 53.95 -25.65 42.27
N ASN B 29 53.15 -24.58 42.15
CA ASN B 29 53.42 -23.33 42.85
C ASN B 29 52.61 -23.18 44.14
N ARG B 30 51.94 -24.25 44.59
CA ARG B 30 51.06 -24.16 45.75
C ARG B 30 51.83 -23.66 46.98
N GLU B 31 53.03 -24.23 47.21
CA GLU B 31 53.79 -23.87 48.41
C GLU B 31 54.23 -22.42 48.39
N GLU B 32 54.54 -21.87 47.21
CA GLU B 32 54.92 -20.47 47.14
C GLU B 32 53.71 -19.55 47.08
N LEU B 33 52.59 -20.03 46.56
CA LEU B 33 51.36 -19.23 46.59
C LEU B 33 50.83 -19.09 48.00
N ASN B 34 51.03 -20.09 48.85
CA ASN B 34 50.61 -20.02 50.24
C ASN B 34 51.50 -19.12 51.09
N LYS B 35 52.56 -18.54 50.51
CA LYS B 35 53.41 -17.61 51.22
C LYS B 35 53.00 -16.15 51.00
N LEU B 36 51.98 -15.91 50.19
CA LEU B 36 51.55 -14.54 49.91
C LEU B 36 50.78 -13.95 51.08
N THR B 37 50.98 -12.65 51.31
CA THR B 37 50.15 -11.93 52.26
C THR B 37 48.70 -11.98 51.79
N ASN B 38 47.78 -11.78 52.75
CA ASN B 38 46.35 -11.82 52.42
C ASN B 38 45.99 -10.78 51.37
N ASP B 39 46.60 -9.59 51.47
CA ASP B 39 46.40 -8.56 50.46
C ASP B 39 46.85 -9.03 49.08
N ALA B 40 48.09 -9.52 48.99
CA ALA B 40 48.64 -9.95 47.71
C ALA B 40 47.90 -11.17 47.17
N ALA B 41 47.53 -12.11 48.05
CA ALA B 41 46.76 -13.27 47.61
C ALA B 41 45.41 -12.85 47.06
N LEU B 42 44.74 -11.92 47.73
CA LEU B 42 43.47 -11.40 47.23
C LEU B 42 43.64 -10.81 45.83
N VAL B 43 44.63 -9.93 45.66
CA VAL B 43 44.80 -9.27 44.36
C VAL B 43 45.14 -10.29 43.27
N LEU B 44 46.01 -11.25 43.58
CA LEU B 44 46.42 -12.22 42.57
C LEU B 44 45.26 -13.13 42.17
N ALA B 45 44.51 -13.63 43.15
CA ALA B 45 43.35 -14.47 42.82
C ALA B 45 42.32 -13.69 42.02
N SER B 46 42.13 -12.41 42.36
CA SER B 46 41.19 -11.58 41.61
C SER B 46 41.62 -11.44 40.15
N ARG B 47 42.89 -11.11 39.92
CA ARG B 47 43.38 -11.00 38.55
C ARG B 47 43.27 -12.34 37.80
N LEU B 48 43.60 -13.43 38.49
CA LEU B 48 43.59 -14.74 37.88
C LEU B 48 42.18 -15.12 37.41
N VAL B 49 41.18 -14.97 38.29
CA VAL B 49 39.82 -15.29 37.90
C VAL B 49 39.29 -14.28 36.88
N LEU B 50 39.77 -13.03 36.93
CA LEU B 50 39.30 -12.02 36.00
C LEU B 50 39.75 -12.32 34.57
N GLU B 51 41.00 -12.75 34.41
CA GLU B 51 41.52 -13.01 33.07
C GLU B 51 41.06 -14.34 32.48
N CYS B 52 40.32 -15.14 33.24
CA CYS B 52 39.84 -16.43 32.73
C CYS B 52 38.63 -16.21 31.83
N PRO B 53 38.67 -16.60 30.56
CA PRO B 53 37.50 -16.46 29.70
C PRO B 53 36.31 -17.26 30.24
N VAL B 54 35.11 -16.76 29.92
CA VAL B 54 33.89 -17.38 30.45
C VAL B 54 33.77 -18.82 29.98
N ASN B 55 33.99 -19.06 28.69
CA ASN B 55 33.85 -20.39 28.11
C ASN B 55 34.75 -21.43 28.80
N GLU B 56 35.76 -20.99 29.54
CA GLU B 56 36.68 -21.90 30.21
C GLU B 56 36.42 -22.05 31.70
N LEU B 57 35.54 -21.22 32.27
CA LEU B 57 35.35 -21.20 33.72
C LEU B 57 35.19 -22.60 34.31
N LYS B 58 34.27 -23.38 33.75
CA LYS B 58 34.05 -24.75 34.20
C LYS B 58 35.37 -25.50 34.35
N ASP B 59 36.15 -25.58 33.27
CA ASP B 59 37.43 -26.27 33.33
C ASP B 59 38.31 -25.70 34.44
N PHE B 60 38.42 -24.37 34.49
CA PHE B 60 39.27 -23.75 35.51
C PHE B 60 38.84 -24.15 36.91
N ALA B 61 37.54 -24.37 37.13
CA ALA B 61 37.07 -24.80 38.44
C ALA B 61 37.84 -26.02 38.93
N HIS B 62 37.99 -27.02 38.07
CA HIS B 62 38.71 -28.22 38.47
C HIS B 62 40.16 -27.88 38.82
N ALA B 63 40.80 -27.02 38.01
CA ALA B 63 42.16 -26.61 38.31
C ALA B 63 42.28 -26.01 39.69
N ILE B 64 41.21 -25.37 40.19
CA ILE B 64 41.26 -24.75 41.51
C ILE B 64 41.62 -25.78 42.56
N GLU B 65 41.08 -27.01 42.43
CA GLU B 65 41.33 -28.04 43.43
C GLU B 65 42.80 -28.43 43.53
N ALA B 66 43.62 -28.04 42.57
CA ALA B 66 45.05 -28.33 42.64
C ALA B 66 45.79 -27.41 43.60
N ALA B 67 45.17 -26.32 44.05
CA ALA B 67 45.82 -25.37 44.95
C ALA B 67 45.64 -25.74 46.42
N ARG B 68 45.08 -26.91 46.72
CA ARG B 68 44.79 -27.32 48.09
C ARG B 68 45.27 -28.74 48.29
N MET B 69 46.21 -28.94 49.21
CA MET B 69 46.65 -30.27 49.58
C MET B 69 45.72 -30.78 50.68
N PRO B 70 44.96 -31.87 50.45
CA PRO B 70 43.82 -32.26 51.31
C PRO B 70 43.74 -31.67 52.72
N GLN B 71 44.74 -31.93 53.55
CA GLN B 71 44.71 -31.51 54.95
C GLN B 71 45.91 -30.66 55.35
N ASP B 72 46.57 -30.04 54.38
CA ASP B 72 47.70 -29.17 54.69
C ASP B 72 47.21 -27.92 55.42
N ASP B 73 47.81 -27.63 56.57
CA ASP B 73 47.39 -26.53 57.43
C ASP B 73 48.10 -25.23 57.04
N SER B 74 47.96 -24.86 55.77
CA SER B 74 48.57 -23.64 55.26
C SER B 74 48.02 -23.26 53.89
N ASP B 75 46.90 -23.87 53.48
CA ASP B 75 46.32 -23.62 52.16
C ASP B 75 45.47 -22.35 52.20
N THR B 76 46.15 -21.22 52.39
CA THR B 76 45.47 -19.94 52.49
C THR B 76 45.09 -19.39 51.12
N PHE B 77 45.91 -19.65 50.09
CA PHE B 77 45.66 -19.08 48.78
C PHE B 77 44.50 -19.74 48.05
N HIS B 78 44.29 -21.04 48.27
CA HIS B 78 43.17 -21.73 47.64
C HIS B 78 41.84 -21.12 48.10
N SER B 79 41.78 -20.65 49.35
CA SER B 79 40.60 -19.95 49.83
C SER B 79 40.27 -18.74 48.96
N PHE B 80 41.26 -17.86 48.79
CA PHE B 80 41.07 -16.68 47.96
C PHE B 80 40.71 -17.04 46.53
N LEU B 81 41.40 -18.04 45.97
CA LEU B 81 41.17 -18.40 44.56
C LEU B 81 39.77 -18.95 44.35
N PHE B 82 39.32 -19.85 45.23
CA PHE B 82 37.98 -20.41 45.13
C PHE B 82 36.92 -19.33 45.33
N GLN B 83 37.16 -18.40 46.25
CA GLN B 83 36.18 -17.34 46.47
C GLN B 83 36.08 -16.40 45.27
N ALA B 84 37.23 -16.09 44.66
CA ALA B 84 37.20 -15.24 43.46
C ALA B 84 36.47 -15.94 42.32
N TYR B 85 36.74 -17.23 42.13
CA TYR B 85 36.01 -18.00 41.13
C TYR B 85 34.50 -17.96 41.41
N GLN B 86 34.11 -18.12 42.67
CA GLN B 86 32.69 -18.08 43.02
C GLN B 86 32.08 -16.74 42.66
N VAL B 87 32.80 -15.65 42.96
CA VAL B 87 32.28 -14.31 42.64
C VAL B 87 32.01 -14.19 41.16
N LYS B 88 33.02 -14.47 40.32
CA LYS B 88 32.82 -14.26 38.89
C LYS B 88 31.78 -15.24 38.33
N LYS B 89 31.77 -16.49 38.82
CA LYS B 89 30.82 -17.47 38.34
C LYS B 89 29.39 -17.03 38.64
N ARG B 90 29.14 -16.54 39.86
CA ARG B 90 27.79 -16.15 40.21
C ARG B 90 27.35 -14.89 39.47
N ILE B 91 28.28 -13.97 39.20
CA ILE B 91 27.90 -12.80 38.42
C ILE B 91 27.62 -13.18 36.97
N ILE B 92 28.43 -14.08 36.40
CA ILE B 92 28.26 -14.44 34.99
C ILE B 92 27.01 -15.29 34.79
N SER B 93 26.64 -16.12 35.76
CA SER B 93 25.47 -16.98 35.58
C SER B 93 24.18 -16.17 35.52
N LEU B 94 24.19 -14.91 35.94
CA LEU B 94 23.04 -14.04 35.72
C LEU B 94 22.83 -13.79 34.24
N LEU B 95 23.92 -13.63 33.49
CA LEU B 95 23.83 -13.36 32.06
C LEU B 95 23.49 -14.59 31.24
N ASP B 96 23.75 -15.78 31.75
CA ASP B 96 23.50 -17.02 31.03
C ASP B 96 22.02 -17.16 30.69
N PRO B 97 21.66 -17.11 29.40
CA PRO B 97 20.24 -17.30 29.04
C PRO B 97 19.73 -18.70 29.29
N ARG B 98 20.60 -19.66 29.57
CA ARG B 98 20.19 -20.99 30.00
C ARG B 98 19.79 -21.04 31.46
N ASN B 99 19.91 -19.92 32.19
CA ASN B 99 19.48 -19.83 33.57
C ASN B 99 18.05 -19.29 33.58
N ILE B 100 17.11 -20.12 34.01
CA ILE B 100 15.69 -19.75 33.93
C ILE B 100 15.33 -18.73 35.00
N ASN B 101 15.95 -18.81 36.19
CA ASN B 101 15.63 -17.93 37.31
C ASN B 101 16.92 -17.36 37.90
N PRO B 102 17.46 -16.30 37.31
CA PRO B 102 18.67 -15.69 37.87
C PRO B 102 18.42 -14.84 39.11
N HIS B 103 17.18 -14.45 39.38
CA HIS B 103 16.87 -13.66 40.56
C HIS B 103 16.91 -14.48 41.84
N SER B 104 16.79 -15.81 41.73
CA SER B 104 16.80 -16.66 42.91
C SER B 104 18.14 -16.60 43.62
N MET B 105 19.24 -16.57 42.86
CA MET B 105 20.56 -16.41 43.46
C MET B 105 20.60 -15.18 44.36
N ILE B 106 20.11 -14.04 43.84
CA ILE B 106 20.04 -12.83 44.64
C ILE B 106 19.19 -13.05 45.88
N LEU B 107 18.03 -13.69 45.71
CA LEU B 107 17.10 -13.84 46.83
C LEU B 107 17.57 -14.90 47.83
N GLU B 108 18.15 -16.01 47.34
CA GLU B 108 18.50 -17.14 48.20
C GLU B 108 19.83 -16.97 48.91
N LYS B 109 20.16 -15.76 49.37
CA LYS B 109 21.33 -15.50 50.21
C LYS B 109 22.64 -15.98 49.59
N GLU B 110 22.63 -16.27 48.28
CA GLU B 110 23.87 -16.60 47.59
C GLU B 110 24.71 -15.36 47.31
N PHE B 111 24.13 -14.18 47.56
CA PHE B 111 24.83 -12.88 47.37
C PHE B 111 25.09 -12.24 48.73
N ASP B 112 25.89 -12.91 49.57
CA ASP B 112 26.22 -12.40 50.93
C ASP B 112 27.38 -11.41 50.83
N GLY B 113 27.67 -10.70 51.93
CA GLY B 113 28.76 -9.71 51.97
C GLY B 113 30.09 -10.36 52.32
N GLU B 114 30.06 -11.39 53.17
CA GLU B 114 31.30 -12.10 53.59
C GLU B 114 32.11 -12.48 52.35
N LEU B 115 31.44 -12.56 51.20
CA LEU B 115 32.08 -12.90 49.93
C LEU B 115 32.18 -11.68 49.02
N PHE B 116 31.04 -11.07 48.70
CA PHE B 116 31.03 -9.95 47.76
C PHE B 116 31.52 -8.65 48.36
N ASN B 117 31.80 -8.61 49.67
CA ASN B 117 32.46 -7.45 50.26
C ASN B 117 33.97 -7.57 50.20
N ASN B 118 34.51 -8.76 50.50
CA ASN B 118 35.95 -8.95 50.38
C ASN B 118 36.40 -8.87 48.93
N PHE B 119 35.61 -9.43 48.01
CA PHE B 119 35.92 -9.42 46.58
C PHE B 119 35.06 -8.42 45.83
N ASN B 120 34.84 -7.23 46.40
CA ASN B 120 33.93 -6.26 45.79
C ASN B 120 34.54 -5.62 44.56
N LYS B 121 35.84 -5.31 44.61
CA LYS B 121 36.51 -4.75 43.44
C LYS B 121 36.43 -5.72 42.25
N LEU B 122 36.62 -7.01 42.51
CA LEU B 122 36.47 -8.00 41.44
C LEU B 122 35.04 -8.07 40.95
N ALA B 123 34.07 -7.98 41.86
CA ALA B 123 32.66 -7.97 41.46
C ALA B 123 32.37 -6.79 40.52
N ILE B 124 32.88 -5.61 40.86
CA ILE B 124 32.69 -4.43 40.01
C ILE B 124 33.36 -4.64 38.65
N ASP B 125 34.58 -5.18 38.66
CA ASP B 125 35.27 -5.44 37.40
C ASP B 125 34.48 -6.38 36.49
N VAL B 126 33.88 -7.41 37.08
CA VAL B 126 33.12 -8.36 36.27
C VAL B 126 31.80 -7.74 35.79
N LEU B 127 31.17 -6.92 36.64
CA LEU B 127 29.91 -6.30 36.26
C LEU B 127 30.08 -5.25 35.16
N THR B 128 31.26 -4.63 35.09
CA THR B 128 31.49 -3.54 34.16
C THR B 128 31.17 -3.96 32.73
N ASN B 129 30.42 -3.10 32.03
CA ASN B 129 29.92 -3.29 30.67
C ASN B 129 28.86 -4.38 30.57
N ASN B 130 28.46 -4.98 31.69
CA ASN B 130 27.37 -5.96 31.70
C ASN B 130 26.18 -5.50 32.54
N GLU B 131 26.18 -4.25 32.98
CA GLU B 131 25.10 -3.78 33.86
C GLU B 131 23.75 -3.83 33.16
N VAL B 132 23.68 -3.30 31.94
CA VAL B 132 22.40 -3.21 31.24
C VAL B 132 21.86 -4.59 30.91
N ALA B 133 22.73 -5.51 30.50
CA ALA B 133 22.27 -6.85 30.14
C ALA B 133 21.74 -7.60 31.37
N ILE B 134 22.49 -7.56 32.48
CA ILE B 134 22.04 -8.24 33.70
C ILE B 134 20.76 -7.60 34.23
N ALA B 135 20.67 -6.26 34.17
CA ALA B 135 19.48 -5.59 34.66
C ALA B 135 18.26 -5.95 33.81
N LEU B 136 18.45 -6.01 32.48
CA LEU B 136 17.38 -6.44 31.60
C LEU B 136 16.94 -7.86 31.93
N ARG B 137 17.89 -8.76 32.15
CA ARG B 137 17.56 -10.13 32.47
C ARG B 137 16.76 -10.22 33.77
N LEU B 138 17.22 -9.51 34.80
CA LEU B 138 16.52 -9.51 36.08
C LEU B 138 15.12 -8.91 35.96
N ALA B 139 14.95 -7.90 35.11
CA ALA B 139 13.62 -7.36 34.89
C ALA B 139 12.74 -8.35 34.13
N GLU B 140 13.34 -9.18 33.29
CA GLU B 140 12.55 -10.15 32.53
C GLU B 140 12.07 -11.29 33.41
N THR B 141 12.91 -11.79 34.31
CA THR B 141 12.60 -13.04 34.99
C THR B 141 12.01 -12.87 36.40
N THR B 142 12.16 -11.71 37.03
CA THR B 142 11.79 -11.58 38.43
C THR B 142 10.29 -11.32 38.57
N PRO B 143 9.60 -12.05 39.45
CA PRO B 143 8.19 -11.73 39.73
C PRO B 143 8.05 -10.37 40.38
N ALA B 144 6.83 -9.83 40.32
CA ALA B 144 6.60 -8.45 40.73
C ALA B 144 6.76 -8.25 42.24
N GLN B 145 6.44 -9.27 43.05
CA GLN B 145 6.55 -9.12 44.50
C GLN B 145 8.01 -9.03 44.94
N ASP B 146 8.93 -9.62 44.18
CA ASP B 146 10.32 -9.73 44.56
C ASP B 146 11.21 -8.68 43.89
N ARG B 147 10.64 -7.77 43.10
CA ARG B 147 11.45 -6.74 42.45
C ARG B 147 12.11 -5.83 43.48
N SER B 148 11.33 -5.40 44.47
CA SER B 148 11.88 -4.53 45.51
C SER B 148 12.99 -5.24 46.28
N ARG B 149 12.80 -6.53 46.58
CA ARG B 149 13.82 -7.27 47.30
C ARG B 149 15.11 -7.41 46.48
N VAL B 150 14.98 -7.74 45.19
CA VAL B 150 16.16 -7.84 44.34
C VAL B 150 16.89 -6.50 44.28
N SER B 151 16.13 -5.43 44.05
CA SER B 151 16.73 -4.09 43.98
C SER B 151 17.44 -3.74 45.29
N GLN B 152 16.83 -4.06 46.44
CA GLN B 152 17.41 -3.71 47.72
C GLN B 152 18.67 -4.51 47.99
N ASN B 153 18.65 -5.81 47.70
CA ASN B 153 19.85 -6.64 47.85
C ASN B 153 21.00 -6.07 47.03
N ILE B 154 20.76 -5.79 45.75
CA ILE B 154 21.82 -5.31 44.88
C ILE B 154 22.30 -3.93 45.31
N ASN B 155 21.38 -3.08 45.78
CA ASN B 155 21.76 -1.75 46.23
C ASN B 155 22.62 -1.83 47.48
N ASN B 156 22.30 -2.74 48.40
CA ASN B 156 23.08 -2.86 49.63
C ASN B 156 24.44 -3.48 49.38
N ILE B 157 24.54 -4.43 48.45
CA ILE B 157 25.82 -5.09 48.22
C ILE B 157 26.74 -4.23 47.35
N PHE B 158 26.19 -3.54 46.35
CA PHE B 158 26.95 -2.69 45.45
C PHE B 158 26.43 -1.25 45.51
N PRO B 159 26.71 -0.54 46.60
CA PRO B 159 26.15 0.82 46.75
C PRO B 159 26.77 1.81 45.77
N GLN B 160 25.94 2.78 45.36
CA GLN B 160 26.32 3.84 44.43
C GLN B 160 26.83 3.29 43.10
N SER B 161 26.49 2.06 42.75
CA SER B 161 26.99 1.46 41.53
C SER B 161 26.06 1.76 40.36
N LEU B 162 26.61 1.72 39.16
CA LEU B 162 25.78 1.79 37.96
C LEU B 162 24.90 0.54 37.84
N PHE B 163 25.40 -0.59 38.32
CA PHE B 163 24.64 -1.84 38.26
C PHE B 163 23.31 -1.72 39.03
N ALA B 164 23.37 -1.23 40.27
CA ALA B 164 22.17 -1.11 41.09
C ALA B 164 21.17 -0.15 40.45
N ALA B 165 21.65 0.98 39.95
CA ALA B 165 20.75 1.96 39.32
C ALA B 165 20.10 1.38 38.07
N LYS B 166 20.87 0.67 37.23
CA LYS B 166 20.29 0.03 36.06
C LYS B 166 19.23 -0.99 36.45
N VAL B 167 19.49 -1.75 37.52
CA VAL B 167 18.52 -2.74 38.00
C VAL B 167 17.21 -2.05 38.37
N GLY B 168 17.30 -1.00 39.18
CA GLY B 168 16.11 -0.27 39.57
C GLY B 168 15.36 0.31 38.39
N HIS B 169 16.10 0.87 37.43
CA HIS B 169 15.44 1.47 36.25
C HIS B 169 14.74 0.41 35.42
N ALA B 170 15.35 -0.77 35.26
CA ALA B 170 14.72 -1.82 34.48
C ALA B 170 13.43 -2.29 35.15
N PHE B 171 13.46 -2.46 36.47
CA PHE B 171 12.23 -2.82 37.19
C PHE B 171 11.16 -1.75 37.00
N ALA B 172 11.54 -0.47 37.09
CA ALA B 172 10.57 0.61 36.91
C ALA B 172 9.98 0.60 35.50
N VAL B 173 10.82 0.37 34.48
CA VAL B 173 10.35 0.35 33.10
C VAL B 173 9.35 -0.77 32.89
N ARG B 174 9.65 -1.97 33.43
CA ARG B 174 8.68 -3.06 33.25
C ARG B 174 7.39 -2.78 34.00
N ARG B 175 7.48 -2.22 35.22
CA ARG B 175 6.26 -1.86 35.95
C ARG B 175 5.40 -0.89 35.14
N ASP B 176 6.03 0.12 34.53
CA ASP B 176 5.26 1.10 33.78
C ASP B 176 4.70 0.53 32.50
N ILE B 177 5.44 -0.36 31.83
CA ILE B 177 4.89 -1.05 30.65
C ILE B 177 3.64 -1.82 31.04
N GLU B 178 3.72 -2.61 32.11
CA GLU B 178 2.60 -3.48 32.46
C GLU B 178 1.41 -2.69 32.97
N ARG B 179 1.63 -1.61 33.70
CA ARG B 179 0.54 -0.90 34.34
C ARG B 179 0.10 0.37 33.61
N LEU B 180 0.98 1.00 32.83
CA LEU B 180 0.62 2.20 32.11
C LEU B 180 0.46 1.96 30.61
N LEU B 181 1.51 1.45 29.95
CA LEU B 181 1.43 1.29 28.49
C LEU B 181 0.41 0.23 28.09
N LEU B 182 0.27 -0.82 28.89
CA LEU B 182 -0.73 -1.85 28.62
C LEU B 182 -2.05 -1.62 29.36
N GLY B 183 -2.16 -0.53 30.10
CA GLY B 183 -3.37 -0.20 30.82
C GLY B 183 -4.35 0.58 29.98
N ASP B 184 -5.26 1.27 30.66
CA ASP B 184 -6.28 2.06 29.97
C ASP B 184 -5.82 3.46 29.64
N ARG B 185 -4.73 3.95 30.25
CA ARG B 185 -4.20 5.28 30.00
C ARG B 185 -2.73 5.19 29.62
N PRO B 186 -2.42 4.72 28.41
CA PRO B 186 -1.02 4.60 28.00
C PRO B 186 -0.29 5.92 27.80
N ASP B 187 -1.01 7.04 27.73
CA ASP B 187 -0.33 8.34 27.67
C ASP B 187 0.43 8.62 28.96
N GLN B 188 -0.01 8.03 30.07
CA GLN B 188 0.70 8.19 31.33
C GLN B 188 2.05 7.49 31.31
N PHE B 189 2.20 6.45 30.49
CA PHE B 189 3.52 5.83 30.33
C PHE B 189 4.53 6.86 29.84
N PHE B 190 4.09 7.78 28.98
CA PHE B 190 4.97 8.79 28.41
C PHE B 190 5.05 10.05 29.25
N SER B 191 4.02 10.36 30.03
CA SER B 191 4.09 11.49 30.94
C SER B 191 4.67 11.14 32.31
N SER B 192 4.94 9.85 32.56
CA SER B 192 5.49 9.45 33.85
C SER B 192 6.88 10.05 34.07
N ARG B 193 7.24 10.23 35.34
CA ARG B 193 8.58 10.67 35.67
C ARG B 193 9.60 9.55 35.45
N GLU B 194 9.16 8.30 35.44
CA GLU B 194 10.06 7.18 35.18
C GLU B 194 10.34 6.98 33.70
N PHE B 195 9.75 7.79 32.81
CA PHE B 195 10.00 7.62 31.38
C PHE B 195 11.32 8.28 31.01
N LYS B 196 12.20 7.50 30.40
CA LYS B 196 13.43 7.99 29.79
C LYS B 196 13.61 7.29 28.45
N ILE B 197 14.09 8.02 27.45
CA ILE B 197 14.27 7.43 26.13
C ILE B 197 15.41 6.41 26.16
N ASP B 198 16.54 6.79 26.76
CA ASP B 198 17.68 5.88 26.81
C ASP B 198 17.33 4.60 27.55
N SER B 199 16.45 4.70 28.56
CA SER B 199 16.00 3.49 29.25
C SER B 199 15.14 2.62 28.34
N CYS B 200 14.34 3.24 27.47
CA CYS B 200 13.56 2.47 26.52
C CYS B 200 14.46 1.72 25.54
N ILE B 201 15.55 2.36 25.12
CA ILE B 201 16.45 1.72 24.18
C ILE B 201 17.26 0.61 24.86
N GLU B 202 17.79 0.89 26.05
CA GLU B 202 18.64 -0.07 26.75
C GLU B 202 17.87 -1.32 27.15
N PHE B 203 16.56 -1.19 27.40
CA PHE B 203 15.75 -2.33 27.80
C PHE B 203 14.66 -2.58 26.77
N ALA B 204 15.05 -2.61 25.50
CA ALA B 204 14.08 -2.76 24.41
C ALA B 204 13.33 -4.09 24.49
N SER B 205 14.00 -5.14 24.97
CA SER B 205 13.39 -6.47 25.02
C SER B 205 12.11 -6.46 25.85
N LEU B 206 12.07 -5.67 26.92
CA LEU B 206 10.87 -5.60 27.76
C LEU B 206 9.64 -5.14 26.99
N PHE B 207 9.82 -4.48 25.84
CA PHE B 207 8.69 -4.04 25.03
C PHE B 207 8.14 -5.13 24.13
N ASN B 208 8.82 -6.29 24.04
CA ASN B 208 8.28 -7.40 23.26
C ASN B 208 6.90 -7.83 23.74
N VAL B 209 6.49 -7.43 24.95
CA VAL B 209 5.17 -7.77 25.47
C VAL B 209 4.06 -6.94 24.85
N ILE B 210 4.38 -5.96 24.00
CA ILE B 210 3.35 -5.22 23.29
C ILE B 210 3.20 -5.69 21.84
N ASN B 211 3.92 -6.75 21.46
CA ASN B 211 3.81 -7.28 20.11
C ASN B 211 2.42 -7.84 19.87
N ASP B 212 1.82 -7.46 18.74
CA ASP B 212 0.44 -7.78 18.37
C ASP B 212 -0.57 -7.15 19.32
N LYS B 213 -0.16 -6.13 20.08
CA LYS B 213 -1.07 -5.32 20.88
C LYS B 213 -0.96 -3.84 20.54
N GLU B 214 -0.23 -3.49 19.49
CA GLU B 214 0.01 -2.09 19.18
C GLU B 214 -1.25 -1.37 18.74
N SER B 215 -2.19 -2.08 18.11
CA SER B 215 -3.44 -1.45 17.69
C SER B 215 -4.26 -1.00 18.89
N SER B 216 -4.40 -1.87 19.89
CA SER B 216 -5.16 -1.51 21.09
C SER B 216 -4.52 -0.32 21.81
N ILE B 217 -3.20 -0.37 21.99
CA ILE B 217 -2.48 0.73 22.62
C ILE B 217 -2.69 2.03 21.86
N ALA B 218 -2.58 1.96 20.53
CA ALA B 218 -2.72 3.17 19.72
C ALA B 218 -4.13 3.73 19.80
N GLY B 219 -5.14 2.87 19.81
CA GLY B 219 -6.50 3.34 19.96
C GLY B 219 -6.73 4.02 21.30
N LYS B 220 -6.19 3.44 22.38
CA LYS B 220 -6.35 4.05 23.69
C LYS B 220 -5.61 5.38 23.78
N LEU B 221 -4.42 5.46 23.17
CA LEU B 221 -3.69 6.73 23.10
C LEU B 221 -4.49 7.78 22.35
N ALA B 222 -5.02 7.41 21.18
CA ALA B 222 -5.79 8.36 20.38
C ALA B 222 -7.02 8.85 21.13
N LEU B 223 -7.69 7.95 21.86
CA LEU B 223 -8.93 8.33 22.52
C LEU B 223 -8.69 9.19 23.76
N ARG B 224 -7.68 8.84 24.57
CA ARG B 224 -7.60 9.36 25.93
C ARG B 224 -6.38 10.24 26.19
N THR B 225 -5.59 10.55 25.18
CA THR B 225 -4.46 11.46 25.40
C THR B 225 -4.94 12.90 25.33
N PRO B 226 -4.62 13.74 26.32
CA PRO B 226 -4.93 15.17 26.20
C PRO B 226 -4.29 15.76 24.96
N ALA B 227 -4.99 16.72 24.35
CA ALA B 227 -4.55 17.27 23.07
C ALA B 227 -3.16 17.89 23.17
N GLU B 228 -2.89 18.61 24.26
CA GLU B 228 -1.60 19.27 24.40
C GLU B 228 -0.44 18.28 24.53
N ASN B 229 -0.73 17.05 24.94
CA ASN B 229 0.30 16.02 25.08
C ASN B 229 0.44 15.16 23.83
N ARG B 230 -0.33 15.42 22.78
CA ARG B 230 -0.29 14.58 21.58
C ARG B 230 1.10 14.62 20.93
N THR B 231 1.60 15.82 20.67
CA THR B 231 2.92 15.97 20.06
C THR B 231 4.01 15.38 20.94
N ASP B 232 3.92 15.59 22.25
CA ASP B 232 4.92 15.05 23.17
C ASP B 232 4.94 13.53 23.11
N VAL B 233 3.76 12.90 23.13
CA VAL B 233 3.67 11.45 23.06
C VAL B 233 4.29 10.95 21.76
N VAL B 234 3.95 11.59 20.64
CA VAL B 234 4.45 11.11 19.35
C VAL B 234 5.96 11.24 19.26
N MET B 235 6.49 12.40 19.70
CA MET B 235 7.94 12.60 19.63
C MET B 235 8.68 11.64 20.54
N LYS B 236 8.12 11.34 21.72
CA LYS B 236 8.74 10.34 22.58
C LYS B 236 8.73 8.96 21.94
N ILE B 237 7.62 8.60 21.30
CA ILE B 237 7.58 7.33 20.57
C ILE B 237 8.66 7.27 19.51
N LYS B 238 8.77 8.33 18.70
CA LYS B 238 9.79 8.38 17.65
C LYS B 238 11.20 8.40 18.23
N GLY B 239 11.35 8.75 19.51
CA GLY B 239 12.65 8.73 20.15
C GLY B 239 13.26 7.36 20.29
N PHE B 240 12.45 6.30 20.32
CA PHE B 240 13.00 4.95 20.43
C PHE B 240 12.34 3.91 19.53
N CYS B 241 11.29 4.25 18.79
CA CYS B 241 10.65 3.32 17.87
C CYS B 241 10.94 3.76 16.44
N ALA B 242 11.43 2.83 15.62
CA ALA B 242 11.73 3.13 14.23
C ALA B 242 10.49 3.64 13.50
N GLU B 243 10.72 4.28 12.35
CA GLU B 243 9.62 4.78 11.56
C GLU B 243 8.74 3.64 11.06
N ASP B 244 9.31 2.46 10.86
CA ASP B 244 8.60 1.30 10.35
C ASP B 244 8.16 0.34 11.46
N SER B 245 8.27 0.74 12.73
CA SER B 245 7.82 -0.12 13.80
C SER B 245 6.30 -0.09 13.91
N GLU B 246 5.74 -1.10 14.57
CA GLU B 246 4.29 -1.24 14.64
C GLU B 246 3.68 -0.13 15.49
N LEU B 247 4.31 0.21 16.61
CA LEU B 247 3.73 1.20 17.52
C LEU B 247 3.62 2.58 16.86
N ALA B 248 4.69 3.04 16.22
CA ALA B 248 4.66 4.35 15.57
C ALA B 248 3.60 4.39 14.47
N ILE B 249 3.59 3.38 13.60
CA ILE B 249 2.61 3.32 12.51
C ILE B 249 1.19 3.40 13.08
N LYS B 250 0.87 2.51 14.02
CA LYS B 250 -0.50 2.43 14.52
C LYS B 250 -0.89 3.68 15.28
N VAL B 251 0.03 4.29 16.03
CA VAL B 251 -0.29 5.49 16.80
C VAL B 251 -0.61 6.64 15.85
N GLN B 252 0.25 6.88 14.86
CA GLN B 252 -0.03 7.94 13.89
C GLN B 252 -1.32 7.67 13.13
N SER B 253 -1.57 6.40 12.77
CA SER B 253 -2.80 6.04 12.08
C SER B 253 -4.04 6.36 12.92
N ALA B 254 -4.01 6.01 14.21
CA ALA B 254 -5.17 6.24 15.06
C ALA B 254 -5.41 7.71 15.32
N PHE B 255 -4.33 8.49 15.53
CA PHE B 255 -4.50 9.94 15.66
C PHE B 255 -5.11 10.55 14.40
N ALA B 256 -4.63 10.12 13.23
CA ALA B 256 -5.19 10.63 11.98
C ALA B 256 -6.66 10.25 11.84
N LEU B 257 -7.02 9.04 12.25
CA LEU B 257 -8.42 8.63 12.17
C LEU B 257 -9.30 9.47 13.08
N ARG B 258 -8.81 9.77 14.30
CA ARG B 258 -9.57 10.63 15.19
C ARG B 258 -9.74 12.02 14.60
N ARG B 259 -8.68 12.57 13.99
CA ARG B 259 -8.81 13.85 13.30
C ARG B 259 -9.86 13.79 12.20
N ASP B 260 -9.88 12.71 11.43
CA ASP B 260 -10.86 12.56 10.36
C ASP B 260 -12.28 12.49 10.92
N ILE B 261 -12.47 11.73 11.99
CA ILE B 261 -13.77 11.66 12.66
C ILE B 261 -14.23 13.05 13.07
N GLU B 262 -13.37 13.79 13.76
CA GLU B 262 -13.78 15.09 14.29
C GLU B 262 -14.00 16.11 13.20
N ARG B 263 -13.27 16.01 12.08
CA ARG B 263 -13.42 17.00 11.02
C ARG B 263 -14.63 16.72 10.15
N ASN B 264 -14.81 15.48 9.70
CA ASN B 264 -15.83 15.16 8.71
C ASN B 264 -17.06 14.47 9.27
N LEU B 265 -16.90 13.54 10.21
CA LEU B 265 -18.04 12.82 10.74
C LEU B 265 -18.87 13.69 11.67
N LEU B 266 -18.24 14.66 12.34
CA LEU B 266 -18.92 15.51 13.32
C LEU B 266 -19.31 16.87 12.77
N GLY B 267 -19.11 17.10 11.47
CA GLY B 267 -19.42 18.37 10.85
C GLY B 267 -20.88 18.47 10.42
N ASP B 268 -21.12 19.39 9.48
CA ASP B 268 -22.49 19.62 9.01
C ASP B 268 -22.99 18.45 8.17
N ASN B 269 -22.10 17.74 7.49
CA ASN B 269 -22.49 16.69 6.54
C ASN B 269 -21.57 15.49 6.73
N PRO B 270 -22.05 14.43 7.39
CA PRO B 270 -21.16 13.29 7.68
C PRO B 270 -20.86 12.39 6.49
N GLU B 271 -21.63 12.49 5.39
CA GLU B 271 -21.45 11.57 4.28
C GLU B 271 -20.07 11.69 3.63
N GLN B 272 -19.36 12.80 3.87
CA GLN B 272 -18.01 12.94 3.34
C GLN B 272 -17.05 11.96 4.01
N PHE B 273 -17.29 11.62 5.28
CA PHE B 273 -16.41 10.68 5.96
C PHE B 273 -16.45 9.31 5.31
N PHE B 274 -17.56 8.96 4.68
CA PHE B 274 -17.75 7.64 4.08
C PHE B 274 -17.44 7.61 2.59
N SER B 275 -17.63 8.72 1.88
CA SER B 275 -17.36 8.79 0.45
C SER B 275 -15.93 9.23 0.15
N SER B 276 -15.15 9.57 1.16
CA SER B 276 -13.79 10.06 0.93
C SER B 276 -12.89 8.94 0.43
N ARG B 277 -11.79 9.34 -0.21
CA ARG B 277 -10.78 8.40 -0.67
C ARG B 277 -9.90 7.89 0.47
N ASP B 278 -10.11 8.37 1.69
CA ASP B 278 -9.37 7.93 2.87
C ASP B 278 -10.19 7.00 3.77
N PHE B 279 -11.42 6.67 3.37
CA PHE B 279 -12.28 5.83 4.20
C PHE B 279 -11.86 4.36 4.09
N SER B 280 -12.03 3.65 5.19
CA SER B 280 -11.65 2.24 5.28
C SER B 280 -12.41 1.62 6.44
N VAL B 281 -13.27 0.64 6.15
CA VAL B 281 -13.97 -0.06 7.21
C VAL B 281 -12.98 -0.80 8.10
N ASP B 282 -11.93 -1.36 7.50
CA ASP B 282 -10.88 -2.03 8.28
C ASP B 282 -10.27 -1.07 9.29
N LEU B 283 -9.96 0.16 8.86
CA LEU B 283 -9.36 1.14 9.75
C LEU B 283 -10.31 1.50 10.89
N CYS B 284 -11.60 1.58 10.59
CA CYS B 284 -12.58 1.91 11.63
C CYS B 284 -12.71 0.78 12.63
N LEU B 285 -12.72 -0.48 12.16
CA LEU B 285 -12.81 -1.60 13.08
C LEU B 285 -11.55 -1.73 13.94
N GLU B 286 -10.38 -1.47 13.35
CA GLU B 286 -9.14 -1.58 14.10
C GLU B 286 -9.10 -0.62 15.28
N PHE B 287 -9.70 0.55 15.14
CA PHE B 287 -9.73 1.56 16.18
C PHE B 287 -11.16 1.89 16.57
N ALA B 288 -11.99 0.85 16.72
CA ALA B 288 -13.41 1.04 16.96
C ALA B 288 -13.67 1.76 18.27
N ILE B 289 -12.77 1.63 19.25
CA ILE B 289 -12.95 2.20 20.58
C ILE B 289 -13.10 3.71 20.51
N LEU B 290 -12.68 4.30 19.39
CA LEU B 290 -12.77 5.74 19.22
C LEU B 290 -14.21 6.20 19.06
N PHE B 291 -15.08 5.38 18.44
CA PHE B 291 -16.33 5.90 17.92
C PHE B 291 -17.36 6.20 19.01
N PRO B 292 -17.67 5.28 19.96
CA PRO B 292 -18.69 5.61 20.96
C PRO B 292 -18.40 6.87 21.74
N GLU B 293 -17.24 6.93 22.41
CA GLU B 293 -16.93 8.06 23.27
C GLU B 293 -16.85 9.37 22.50
N LEU B 294 -16.51 9.31 21.21
CA LEU B 294 -16.43 10.52 20.39
C LEU B 294 -17.77 10.91 19.78
N LEU B 295 -18.80 10.06 19.89
CA LEU B 295 -20.11 10.37 19.34
C LEU B 295 -21.16 10.60 20.41
N LYS B 296 -20.79 10.48 21.69
CA LYS B 296 -21.70 10.71 22.80
C LYS B 296 -22.34 12.09 22.70
N GLY B 297 -23.66 12.11 22.51
CA GLY B 297 -24.39 13.35 22.35
C GLY B 297 -24.52 13.85 20.93
N HIS B 298 -23.88 13.19 19.96
CA HIS B 298 -23.93 13.61 18.57
C HIS B 298 -24.75 12.67 17.69
N GLU B 299 -25.19 11.51 18.20
CA GLU B 299 -25.89 10.55 17.36
C GLU B 299 -27.22 11.09 16.88
N GLN B 300 -27.87 11.96 17.67
CA GLN B 300 -29.13 12.55 17.24
C GLN B 300 -28.94 13.42 16.00
N ALA B 301 -27.98 14.34 16.04
CA ALA B 301 -27.75 15.23 14.90
C ALA B 301 -27.24 14.46 13.69
N ILE B 302 -26.42 13.43 13.92
CA ILE B 302 -25.93 12.61 12.82
C ILE B 302 -27.10 11.89 12.15
N GLY B 303 -28.01 11.32 12.94
CA GLY B 303 -29.17 10.66 12.36
C GLY B 303 -30.09 11.62 11.65
N GLU B 304 -30.23 12.84 12.18
CA GLU B 304 -31.06 13.84 11.52
C GLU B 304 -30.48 14.26 10.17
N LYS B 305 -29.16 14.50 10.12
CA LYS B 305 -28.52 14.83 8.85
C LYS B 305 -28.49 13.65 7.90
N LEU B 306 -28.58 12.42 8.42
CA LEU B 306 -28.58 11.24 7.57
C LEU B 306 -29.94 10.96 6.94
N ALA B 307 -31.02 11.50 7.52
CA ALA B 307 -32.35 11.28 6.96
C ALA B 307 -32.51 11.97 5.61
N LYS B 308 -31.93 13.18 5.48
CA LYS B 308 -31.99 13.96 4.26
C LYS B 308 -31.04 13.44 3.16
N LEU B 309 -30.60 12.19 3.26
CA LEU B 309 -29.73 11.59 2.26
C LEU B 309 -30.52 10.63 1.37
N ASP B 310 -29.86 10.14 0.33
CA ASP B 310 -30.48 9.20 -0.59
C ASP B 310 -30.80 7.89 0.13
N ALA B 311 -31.58 7.03 -0.53
CA ALA B 311 -32.03 5.79 0.09
C ALA B 311 -30.88 4.83 0.31
N LYS B 312 -30.21 4.42 -0.77
CA LYS B 312 -29.17 3.40 -0.66
C LYS B 312 -27.97 3.92 0.14
N VAL B 313 -27.61 5.19 -0.05
CA VAL B 313 -26.44 5.76 0.63
C VAL B 313 -26.67 5.77 2.14
N ARG B 314 -27.85 6.20 2.58
CA ARG B 314 -28.14 6.27 4.01
C ARG B 314 -28.04 4.89 4.66
N SER B 315 -28.68 3.88 4.05
CA SER B 315 -28.63 2.54 4.62
C SER B 315 -27.23 1.97 4.61
N ASP B 316 -26.47 2.22 3.54
CA ASP B 316 -25.09 1.75 3.48
C ASP B 316 -24.25 2.31 4.62
N ILE B 317 -24.23 3.64 4.75
CA ILE B 317 -23.39 4.24 5.78
C ILE B 317 -23.92 3.91 7.17
N SER B 318 -25.23 3.71 7.33
CA SER B 318 -25.77 3.38 8.64
C SER B 318 -25.40 1.95 9.03
N ARG B 319 -25.41 1.02 8.08
CA ARG B 319 -24.95 -0.33 8.38
C ARG B 319 -23.47 -0.34 8.74
N LYS B 320 -22.66 0.44 8.02
CA LYS B 320 -21.25 0.54 8.38
C LYS B 320 -21.07 1.08 9.80
N LEU B 321 -21.82 2.13 10.15
CA LEU B 321 -21.75 2.69 11.49
C LEU B 321 -22.18 1.66 12.54
N GLU B 322 -23.22 0.88 12.23
CA GLU B 322 -23.68 -0.13 13.19
C GLU B 322 -22.61 -1.17 13.44
N MET B 323 -21.95 -1.65 12.37
CA MET B 323 -20.88 -2.62 12.54
C MET B 323 -19.72 -2.04 13.36
N ILE B 324 -19.31 -0.81 13.02
CA ILE B 324 -18.22 -0.18 13.75
C ILE B 324 -18.56 -0.06 15.24
N ASN B 325 -19.77 0.42 15.53
CA ASN B 325 -20.19 0.60 16.92
C ASN B 325 -20.24 -0.73 17.65
N GLY B 326 -20.67 -1.79 16.97
CA GLY B 326 -20.69 -3.10 17.60
C GLY B 326 -19.31 -3.64 17.87
N ALA B 327 -18.34 -3.30 17.04
CA ALA B 327 -16.98 -3.80 17.21
C ALA B 327 -16.23 -3.09 18.34
N ALA B 328 -16.77 -2.03 18.91
CA ALA B 328 -16.05 -1.20 19.89
C ALA B 328 -16.03 -1.91 21.23
N HIS B 329 -15.16 -2.91 21.33
CA HIS B 329 -14.96 -3.65 22.58
C HIS B 329 -13.52 -4.14 22.69
#